data_1HOX
#
_entry.id   1HOX
#
_cell.length_a   82.438
_cell.length_b   119.429
_cell.length_c   272.137
_cell.angle_alpha   90
_cell.angle_beta   90
_cell.angle_gamma   90
#
_symmetry.space_group_name_H-M   'C 2 2 21'
#
loop_
_entity.id
_entity.type
_entity.pdbx_description
1 polymer 'PHOSPHOGLUCOSE ISOMERASE'
2 non-polymer 6-O-phosphono-beta-D-fructofuranose
3 water water
#
_entity_poly.entity_id   1
_entity_poly.type   'polypeptide(L)'
_entity_poly.pdbx_seq_one_letter_code
;MAALTRNPQFQKLQQWHREHGSELNLRHLFDTDKERFNHFSLTLNTNHGHILLDYSKNLVTEEVMHMLLDLAKSRGVEAA
RESMFNGEKINSTEDRAVLHVALRNRSNTPIVVDGKDVMPEVNKVLDKMKAFCQRVRSGDWKGYTGKTITDVINIGIGGS
DLGPLMVTEALKPYSSGGPRVWFVSNIDGTHIAKTLACLNPESSLFIIASKTFTTQETITNAKTAKDWFLLSAKDPSTVA
KHFVALSTNTAKVKEFGIDPQNMFEFWDWVGGRYSLWSAIGLSIALHVGFDNFEQLLSGAHWMDQHFRTTPLEKNAPVLL
AMLGIWYINCFGCETQAVLPYDQYLHRFAAYFQQGDMESNGKYITKSGARVDHQTGPIVWGEPGTNGQHAFYQLIHQGTK
MIPCDFLIPVQTQHPIRKGLHHKILLANFLAQTEALMKGKSTEEARKELQAAGKSPEDLMKLLPHKVFEGNRPTNSIVFT
KLTPFILGALIAMYEHKIFVQGVVWDINSFDQWGVELGKQLAKKIEPELDGSSPVTSHDSSTNGLINFIKQQREAKIQ
;
_entity_poly.pdbx_strand_id   A,B
#
loop_
_chem_comp.id
_chem_comp.type
_chem_comp.name
_chem_comp.formula
F6P D-saccharide, beta linking 6-O-phosphono-beta-D-fructofuranose 'C6 H13 O9 P'
#
# COMPACT_ATOMS: atom_id res chain seq x y z
N ALA A 2 5.09 21.64 21.27
CA ALA A 2 5.30 22.90 22.02
C ALA A 2 6.77 23.08 22.34
N ALA A 3 7.58 23.20 21.30
CA ALA A 3 9.02 23.37 21.43
C ALA A 3 9.59 23.83 20.09
N LEU A 4 9.15 23.18 19.03
CA LEU A 4 9.60 23.52 17.69
C LEU A 4 8.99 24.85 17.25
N THR A 5 7.69 25.03 17.50
CA THR A 5 6.98 26.24 17.12
C THR A 5 7.55 27.52 17.73
N ARG A 6 8.33 27.39 18.80
CA ARG A 6 8.93 28.55 19.46
C ARG A 6 10.43 28.63 19.26
N ASN A 7 10.97 27.69 18.48
CA ASN A 7 12.39 27.68 18.18
C ASN A 7 12.66 28.80 17.19
N PRO A 8 13.69 29.61 17.47
CA PRO A 8 14.10 30.74 16.63
C PRO A 8 14.24 30.36 15.16
N GLN A 9 14.99 29.29 14.91
CA GLN A 9 15.23 28.83 13.55
C GLN A 9 13.95 28.33 12.88
N PHE A 10 13.07 27.72 13.64
CA PHE A 10 11.81 27.22 13.08
C PHE A 10 10.98 28.39 12.57
N GLN A 11 10.81 29.40 13.40
CA GLN A 11 10.02 30.57 13.02
C GLN A 11 10.65 31.28 11.84
N LYS A 12 11.97 31.45 11.87
CA LYS A 12 12.65 32.11 10.77
C LYS A 12 12.35 31.33 9.49
N LEU A 13 12.36 30.00 9.61
CA LEU A 13 12.08 29.12 8.48
C LEU A 13 10.64 29.36 8.02
N GLN A 14 9.71 29.45 8.98
CA GLN A 14 8.30 29.67 8.66
C GLN A 14 8.06 30.98 7.92
N GLN A 15 8.62 32.06 8.44
CA GLN A 15 8.44 33.37 7.82
C GLN A 15 8.93 33.39 6.39
N TRP A 16 10.08 32.80 6.15
CA TRP A 16 10.65 32.76 4.82
C TRP A 16 9.68 32.09 3.86
N HIS A 17 9.13 30.94 4.28
CA HIS A 17 8.21 30.20 3.44
C HIS A 17 6.95 30.96 3.04
N ARG A 18 6.25 31.55 4.01
CA ARG A 18 5.03 32.28 3.67
C ARG A 18 5.35 33.53 2.85
N GLU A 19 6.63 33.84 2.73
CA GLU A 19 7.05 35.02 1.99
C GLU A 19 7.61 34.62 0.62
N HIS A 20 8.28 33.47 0.55
CA HIS A 20 8.89 33.00 -0.69
C HIS A 20 8.37 31.64 -1.19
N GLY A 21 8.03 30.76 -0.25
CA GLY A 21 7.55 29.43 -0.59
C GLY A 21 6.80 29.23 -1.91
N SER A 22 5.73 30.00 -2.14
CA SER A 22 4.94 29.85 -3.36
C SER A 22 5.63 30.44 -4.59
N GLU A 23 6.82 30.99 -4.39
CA GLU A 23 7.58 31.59 -5.48
C GLU A 23 8.52 30.56 -6.11
N LEU A 24 8.97 29.59 -5.31
CA LEU A 24 9.88 28.57 -5.79
C LEU A 24 9.29 27.75 -6.94
N ASN A 25 10.08 27.58 -7.99
CA ASN A 25 9.67 26.83 -9.17
C ASN A 25 10.84 26.03 -9.73
N LEU A 26 10.81 24.72 -9.50
CA LEU A 26 11.85 23.80 -9.93
C LEU A 26 12.39 24.04 -11.35
N ARG A 27 11.49 24.21 -12.31
CA ARG A 27 11.90 24.42 -13.69
C ARG A 27 12.74 25.70 -13.79
N HIS A 28 12.29 26.74 -13.10
CA HIS A 28 13.01 28.01 -13.11
C HIS A 28 14.35 27.85 -12.40
N LEU A 29 14.36 27.09 -11.29
CA LEU A 29 15.58 26.87 -10.53
C LEU A 29 16.68 26.14 -11.32
N PHE A 30 16.29 25.21 -12.19
CA PHE A 30 17.28 24.50 -13.00
C PHE A 30 17.68 25.36 -14.20
N ASP A 31 16.72 26.07 -14.78
CA ASP A 31 16.96 26.94 -15.94
C ASP A 31 17.93 28.07 -15.62
N THR A 32 18.06 28.40 -14.33
CA THR A 32 18.92 29.49 -13.91
C THR A 32 20.14 29.09 -13.10
N ASP A 33 20.43 27.80 -13.02
CA ASP A 33 21.59 27.33 -12.27
C ASP A 33 22.09 25.98 -12.77
N LYS A 34 23.07 26.05 -13.67
CA LYS A 34 23.67 24.86 -14.27
C LYS A 34 24.39 23.95 -13.27
N GLU A 35 24.65 24.47 -12.06
CA GLU A 35 25.33 23.68 -11.04
C GLU A 35 24.37 23.13 -9.98
N ARG A 36 23.06 23.28 -10.21
CA ARG A 36 22.09 22.82 -9.22
C ARG A 36 22.27 21.37 -8.81
N PHE A 37 22.31 20.45 -9.78
CA PHE A 37 22.50 19.04 -9.46
C PHE A 37 23.73 18.86 -8.60
N ASN A 38 24.84 19.44 -9.04
CA ASN A 38 26.11 19.35 -8.32
C ASN A 38 26.00 19.79 -6.88
N HIS A 39 25.29 20.88 -6.64
CA HIS A 39 25.14 21.45 -5.30
C HIS A 39 24.09 20.79 -4.41
N PHE A 40 23.07 20.19 -5.02
CA PHE A 40 22.02 19.55 -4.23
C PHE A 40 21.93 18.03 -4.42
N SER A 41 23.06 17.36 -4.29
CA SER A 41 23.12 15.91 -4.42
C SER A 41 24.38 15.44 -3.72
N LEU A 42 24.36 14.20 -3.24
CA LEU A 42 25.53 13.65 -2.60
C LEU A 42 25.73 12.19 -3.00
N THR A 43 26.96 11.85 -3.29
CA THR A 43 27.31 10.49 -3.68
C THR A 43 27.99 9.81 -2.51
N LEU A 44 27.63 8.56 -2.26
CA LEU A 44 28.22 7.82 -1.16
C LEU A 44 28.89 6.55 -1.65
N ASN A 45 30.19 6.44 -1.40
CA ASN A 45 30.92 5.23 -1.78
C ASN A 45 31.10 4.43 -0.49
N THR A 46 30.39 3.31 -0.40
CA THR A 46 30.44 2.43 0.77
C THR A 46 31.49 1.34 0.61
N ASN A 47 32.17 1.32 -0.53
CA ASN A 47 33.18 0.31 -0.83
C ASN A 47 32.52 -0.98 -1.29
N HIS A 48 31.19 -1.01 -1.18
CA HIS A 48 30.40 -2.18 -1.58
C HIS A 48 29.25 -1.69 -2.45
N GLY A 49 29.51 -0.59 -3.17
CA GLY A 49 28.52 -0.01 -4.05
C GLY A 49 28.34 1.45 -3.74
N HIS A 50 27.89 2.23 -4.72
CA HIS A 50 27.68 3.65 -4.53
C HIS A 50 26.20 3.96 -4.39
N ILE A 51 25.91 5.01 -3.63
CA ILE A 51 24.53 5.44 -3.46
C ILE A 51 24.49 6.93 -3.78
N LEU A 52 23.70 7.29 -4.77
CA LEU A 52 23.57 8.70 -5.12
C LEU A 52 22.22 9.19 -4.63
N LEU A 53 22.26 10.18 -3.74
CA LEU A 53 21.05 10.78 -3.23
C LEU A 53 20.95 12.12 -3.93
N ASP A 54 20.07 12.21 -4.92
CA ASP A 54 19.91 13.44 -5.64
C ASP A 54 18.64 14.15 -5.15
N TYR A 55 18.82 15.19 -4.36
CA TYR A 55 17.69 15.95 -3.83
C TYR A 55 17.58 17.31 -4.48
N SER A 56 18.02 17.41 -5.72
CA SER A 56 17.99 18.67 -6.44
C SER A 56 16.60 19.02 -6.96
N LYS A 57 15.77 18.02 -7.22
CA LYS A 57 14.43 18.30 -7.71
C LYS A 57 13.48 18.64 -6.57
N ASN A 58 14.01 19.25 -5.51
CA ASN A 58 13.22 19.67 -4.36
C ASN A 58 13.06 21.19 -4.39
N LEU A 59 11.97 21.70 -3.81
CA LEU A 59 11.73 23.14 -3.77
C LEU A 59 12.59 23.79 -2.68
N VAL A 60 13.89 23.86 -2.94
CA VAL A 60 14.82 24.43 -1.98
C VAL A 60 15.96 25.19 -2.68
N THR A 61 16.63 26.03 -1.90
CA THR A 61 17.78 26.81 -2.36
C THR A 61 18.79 26.73 -1.22
N GLU A 62 20.03 27.16 -1.47
CA GLU A 62 21.06 27.12 -0.43
C GLU A 62 20.53 27.76 0.85
N GLU A 63 19.89 28.90 0.71
CA GLU A 63 19.34 29.61 1.85
C GLU A 63 18.38 28.71 2.64
N VAL A 64 17.43 28.09 1.94
CA VAL A 64 16.46 27.21 2.58
C VAL A 64 17.16 26.05 3.26
N MET A 65 18.11 25.44 2.55
CA MET A 65 18.86 24.31 3.10
C MET A 65 19.68 24.76 4.30
N HIS A 66 20.20 25.99 4.24
CA HIS A 66 20.99 26.56 5.32
C HIS A 66 20.12 26.72 6.57
N MET A 67 18.91 27.24 6.37
CA MET A 67 17.98 27.43 7.48
C MET A 67 17.54 26.08 8.04
N LEU A 68 17.31 25.11 7.15
CA LEU A 68 16.87 23.78 7.57
C LEU A 68 17.93 23.12 8.42
N LEU A 69 19.20 23.29 8.04
CA LEU A 69 20.28 22.69 8.80
C LEU A 69 20.46 23.40 10.14
N ASP A 70 20.22 24.71 10.17
CA ASP A 70 20.33 25.45 11.44
C ASP A 70 19.31 24.90 12.42
N LEU A 71 18.13 24.61 11.90
CA LEU A 71 17.05 24.05 12.72
C LEU A 71 17.48 22.70 13.27
N ALA A 72 18.12 21.89 12.43
CA ALA A 72 18.57 20.58 12.85
C ALA A 72 19.48 20.67 14.07
N LYS A 73 20.54 21.47 13.96
CA LYS A 73 21.47 21.62 15.07
C LYS A 73 20.82 22.43 16.20
N SER A 74 19.90 23.31 15.83
CA SER A 74 19.19 24.13 16.82
C SER A 74 18.29 23.25 17.71
N ARG A 75 17.86 22.11 17.18
CA ARG A 75 17.01 21.21 17.95
C ARG A 75 17.79 20.08 18.62
N GLY A 76 19.11 20.15 18.58
CA GLY A 76 19.96 19.16 19.21
C GLY A 76 20.02 17.78 18.58
N VAL A 77 19.88 17.72 17.27
CA VAL A 77 19.93 16.44 16.56
C VAL A 77 21.19 15.66 16.91
N GLU A 78 22.33 16.33 16.87
CA GLU A 78 23.61 15.70 17.15
C GLU A 78 23.73 15.15 18.57
N ALA A 79 23.37 15.93 19.57
CA ALA A 79 23.43 15.44 20.94
C ALA A 79 22.50 14.25 21.07
N ALA A 80 21.30 14.38 20.48
CA ALA A 80 20.32 13.31 20.53
C ALA A 80 20.92 12.04 19.91
N ARG A 81 21.55 12.19 18.75
CA ARG A 81 22.16 11.07 18.07
C ARG A 81 23.15 10.36 19.00
N GLU A 82 24.04 11.14 19.60
CA GLU A 82 25.04 10.59 20.50
C GLU A 82 24.41 9.83 21.65
N SER A 83 23.35 10.37 22.22
CA SER A 83 22.69 9.70 23.31
C SER A 83 22.21 8.31 22.90
N MET A 84 21.61 8.21 21.72
CA MET A 84 21.13 6.91 21.24
C MET A 84 22.30 5.93 21.17
N PHE A 85 23.31 6.26 20.35
CA PHE A 85 24.47 5.40 20.18
C PHE A 85 25.18 5.07 21.49
N ASN A 86 25.25 6.05 22.39
CA ASN A 86 25.90 5.86 23.68
C ASN A 86 25.14 4.94 24.64
N GLY A 87 23.94 4.54 24.25
CA GLY A 87 23.15 3.65 25.09
C GLY A 87 22.29 4.30 26.16
N GLU A 88 22.08 5.60 26.06
CA GLU A 88 21.26 6.31 27.03
C GLU A 88 19.77 5.95 26.82
N LYS A 89 18.98 5.97 27.89
CA LYS A 89 17.57 5.62 27.78
C LYS A 89 16.69 6.70 27.13
N ILE A 90 16.92 7.00 25.86
CA ILE A 90 16.14 8.03 25.18
C ILE A 90 14.67 7.68 24.99
N ASN A 91 14.31 6.42 25.18
CA ASN A 91 12.90 6.01 25.09
C ASN A 91 12.40 6.33 26.50
N SER A 92 12.13 7.62 26.72
CA SER A 92 11.69 8.12 28.03
C SER A 92 10.42 7.55 28.64
N THR A 93 9.35 7.44 27.87
CA THR A 93 8.10 6.93 28.42
C THR A 93 8.21 5.50 28.94
N GLU A 94 9.14 4.72 28.39
CA GLU A 94 9.33 3.35 28.85
C GLU A 94 10.68 3.21 29.54
N ASP A 95 11.40 4.32 29.66
CA ASP A 95 12.71 4.32 30.29
C ASP A 95 13.59 3.20 29.71
N ARG A 96 13.76 3.23 28.39
CA ARG A 96 14.55 2.23 27.71
C ARG A 96 15.59 2.85 26.79
N ALA A 97 16.64 2.09 26.53
CA ALA A 97 17.68 2.54 25.61
C ALA A 97 17.15 2.18 24.22
N VAL A 98 17.72 2.79 23.20
CA VAL A 98 17.32 2.53 21.82
C VAL A 98 18.58 2.06 21.11
N LEU A 99 18.80 0.75 21.08
CA LEU A 99 20.02 0.25 20.48
C LEU A 99 19.93 -0.72 19.30
N HIS A 100 19.19 -0.36 18.26
CA HIS A 100 19.17 -1.24 17.12
C HIS A 100 20.54 -1.11 16.46
N VAL A 101 21.22 0.00 16.71
CA VAL A 101 22.55 0.21 16.14
C VAL A 101 23.56 -0.75 16.77
N ALA A 102 23.23 -1.29 17.95
CA ALA A 102 24.10 -2.23 18.64
C ALA A 102 24.05 -3.59 17.95
N LEU A 103 22.84 -3.94 17.50
CA LEU A 103 22.59 -5.22 16.83
C LEU A 103 23.50 -5.44 15.64
N ARG A 104 23.82 -4.37 14.93
CA ARG A 104 24.68 -4.44 13.75
C ARG A 104 26.03 -3.75 13.95
N ASN A 105 26.41 -3.53 15.21
CA ASN A 105 27.68 -2.89 15.54
C ASN A 105 28.84 -3.85 15.23
N ARG A 106 29.17 -3.95 13.95
CA ARG A 106 30.24 -4.85 13.49
C ARG A 106 31.62 -4.57 14.05
N SER A 107 31.89 -3.34 14.44
CA SER A 107 33.21 -3.01 14.97
C SER A 107 33.33 -3.43 16.42
N ASN A 108 32.22 -3.87 16.99
CA ASN A 108 32.16 -4.33 18.37
C ASN A 108 32.61 -3.35 19.44
N THR A 109 32.60 -2.07 19.10
CA THR A 109 32.95 -1.03 20.05
C THR A 109 31.97 -1.19 21.21
N PRO A 110 32.45 -1.06 22.44
CA PRO A 110 31.56 -1.21 23.60
C PRO A 110 30.41 -0.22 23.64
N ILE A 111 29.26 -0.70 24.09
CA ILE A 111 28.04 0.08 24.25
C ILE A 111 27.42 -0.47 25.52
N VAL A 112 27.54 0.27 26.62
CA VAL A 112 27.03 -0.22 27.90
C VAL A 112 25.69 0.35 28.36
N VAL A 113 24.81 -0.56 28.75
CA VAL A 113 23.48 -0.21 29.25
C VAL A 113 23.48 -0.60 30.72
N ASP A 114 22.90 0.26 31.56
CA ASP A 114 22.85 0.07 33.00
C ASP A 114 23.60 -1.18 33.48
N GLY A 115 24.93 -1.06 33.52
CA GLY A 115 25.74 -2.17 33.97
C GLY A 115 26.79 -2.65 32.99
N LYS A 116 26.44 -3.66 32.19
CA LYS A 116 27.36 -4.26 31.24
C LYS A 116 27.30 -3.76 29.80
N ASP A 117 28.32 -4.16 29.04
CA ASP A 117 28.45 -3.83 27.62
C ASP A 117 27.55 -4.85 26.91
N VAL A 118 26.67 -4.37 26.05
CA VAL A 118 25.72 -5.25 25.36
C VAL A 118 26.27 -6.12 24.24
N MET A 119 27.37 -5.70 23.62
CA MET A 119 27.94 -6.45 22.50
C MET A 119 28.14 -7.94 22.74
N PRO A 120 28.59 -8.32 23.95
CA PRO A 120 28.79 -9.76 24.22
C PRO A 120 27.52 -10.60 24.03
N GLU A 121 26.40 -10.16 24.61
CA GLU A 121 25.15 -10.90 24.44
C GLU A 121 24.65 -10.80 23.00
N VAL A 122 24.88 -9.65 22.38
CA VAL A 122 24.47 -9.45 20.99
C VAL A 122 25.13 -10.49 20.08
N ASN A 123 26.45 -10.59 20.14
CA ASN A 123 27.19 -11.54 19.32
C ASN A 123 26.91 -12.98 19.71
N LYS A 124 26.58 -13.19 20.98
CA LYS A 124 26.26 -14.51 21.49
C LYS A 124 25.06 -15.09 20.72
N VAL A 125 24.04 -14.25 20.54
CA VAL A 125 22.84 -14.68 19.82
C VAL A 125 23.13 -14.86 18.34
N LEU A 126 23.93 -13.97 17.78
CA LEU A 126 24.30 -14.07 16.37
C LEU A 126 25.02 -15.40 16.13
N ASP A 127 25.92 -15.76 17.04
CA ASP A 127 26.64 -17.03 16.90
C ASP A 127 25.66 -18.19 16.99
N LYS A 128 24.72 -18.10 17.93
CA LYS A 128 23.73 -19.15 18.09
C LYS A 128 22.87 -19.29 16.83
N MET A 129 22.41 -18.15 16.31
CA MET A 129 21.58 -18.13 15.11
C MET A 129 22.29 -18.82 13.95
N LYS A 130 23.57 -18.48 13.77
CA LYS A 130 24.38 -19.04 12.69
C LYS A 130 24.55 -20.54 12.78
N ALA A 131 24.82 -21.03 13.99
CA ALA A 131 25.01 -22.47 14.20
C ALA A 131 23.72 -23.22 13.87
N PHE A 132 22.59 -22.68 14.34
CA PHE A 132 21.28 -23.28 14.09
C PHE A 132 20.99 -23.23 12.60
N CYS A 133 21.16 -22.04 12.03
CA CYS A 133 20.95 -21.82 10.61
C CYS A 133 21.78 -22.85 9.83
N GLN A 134 23.03 -23.03 10.26
CA GLN A 134 23.93 -23.99 9.61
C GLN A 134 23.33 -25.40 9.66
N ARG A 135 22.90 -25.81 10.84
CA ARG A 135 22.33 -27.15 11.01
C ARG A 135 21.07 -27.35 10.18
N VAL A 136 20.17 -26.36 10.17
CA VAL A 136 18.94 -26.48 9.42
C VAL A 136 19.18 -26.56 7.91
N ARG A 137 20.06 -25.71 7.39
CA ARG A 137 20.33 -25.70 5.96
C ARG A 137 21.17 -26.88 5.47
N SER A 138 22.10 -27.36 6.29
CA SER A 138 22.93 -28.49 5.90
C SER A 138 22.14 -29.78 5.93
N GLY A 139 21.09 -29.82 6.72
CA GLY A 139 20.27 -31.02 6.82
C GLY A 139 20.52 -31.77 8.12
N ASP A 140 21.51 -31.31 8.88
CA ASP A 140 21.83 -31.94 10.17
C ASP A 140 20.62 -31.95 11.08
N TRP A 141 19.92 -30.82 11.17
CA TRP A 141 18.74 -30.73 12.00
C TRP A 141 17.60 -31.45 11.30
N LYS A 142 17.14 -32.55 11.87
CA LYS A 142 16.07 -33.33 11.26
C LYS A 142 14.72 -33.16 11.94
N GLY A 143 13.66 -33.41 11.18
CA GLY A 143 12.31 -33.33 11.72
C GLY A 143 12.14 -34.53 12.63
N TYR A 144 10.97 -34.68 13.24
CA TYR A 144 10.77 -35.80 14.16
C TYR A 144 10.78 -37.19 13.50
N THR A 145 10.67 -37.26 12.18
CA THR A 145 10.74 -38.55 11.51
C THR A 145 12.03 -38.67 10.69
N GLY A 146 12.99 -37.81 10.99
CA GLY A 146 14.28 -37.85 10.32
C GLY A 146 14.52 -37.10 9.03
N LYS A 147 13.53 -36.36 8.54
CA LYS A 147 13.72 -35.62 7.29
C LYS A 147 14.32 -34.24 7.54
N THR A 148 15.00 -33.72 6.54
CA THR A 148 15.60 -32.40 6.63
C THR A 148 14.42 -31.44 6.49
N ILE A 149 14.48 -30.26 7.10
CA ILE A 149 13.35 -29.35 7.01
C ILE A 149 13.37 -28.60 5.68
N THR A 150 12.21 -28.56 5.02
CA THR A 150 12.06 -27.93 3.73
C THR A 150 11.33 -26.59 3.76
N ASP A 151 10.52 -26.38 4.79
CA ASP A 151 9.79 -25.13 4.92
C ASP A 151 9.94 -24.51 6.31
N VAL A 152 10.19 -23.20 6.33
CA VAL A 152 10.35 -22.44 7.56
C VAL A 152 9.18 -21.47 7.62
N ILE A 153 8.34 -21.59 8.64
CA ILE A 153 7.19 -20.72 8.76
C ILE A 153 7.39 -19.74 9.90
N ASN A 154 7.53 -18.46 9.56
CA ASN A 154 7.67 -17.42 10.57
C ASN A 154 6.27 -16.98 10.96
N ILE A 155 6.00 -16.96 12.26
CA ILE A 155 4.69 -16.55 12.77
C ILE A 155 4.91 -15.36 13.70
N GLY A 156 4.48 -14.19 13.27
CA GLY A 156 4.64 -12.98 14.05
C GLY A 156 3.81 -11.91 13.37
N ILE A 157 3.74 -10.72 13.95
CA ILE A 157 2.94 -9.65 13.37
C ILE A 157 3.64 -8.31 13.59
N GLY A 158 3.30 -7.31 12.78
CA GLY A 158 3.94 -6.01 12.93
C GLY A 158 5.47 -6.10 12.84
N GLY A 159 6.16 -5.63 13.87
CA GLY A 159 7.62 -5.67 13.82
C GLY A 159 8.19 -7.07 13.71
N SER A 160 7.41 -8.07 14.10
CA SER A 160 7.87 -9.46 14.02
C SER A 160 7.55 -10.13 12.71
N ASP A 161 6.96 -9.35 11.80
CA ASP A 161 6.61 -9.78 10.45
C ASP A 161 6.53 -8.51 9.64
N LEU A 162 7.42 -8.33 8.68
CA LEU A 162 7.38 -7.14 7.84
C LEU A 162 8.82 -6.96 7.46
N GLY A 163 9.67 -6.84 8.48
CA GLY A 163 11.09 -6.71 8.25
C GLY A 163 11.53 -8.00 7.61
N PRO A 164 11.32 -9.15 8.27
CA PRO A 164 11.71 -10.45 7.73
C PRO A 164 11.12 -10.68 6.35
N LEU A 165 9.82 -10.46 6.23
CA LEU A 165 9.13 -10.62 4.96
C LEU A 165 9.68 -9.67 3.88
N MET A 166 9.84 -8.39 4.21
CA MET A 166 10.34 -7.43 3.22
C MET A 166 11.77 -7.74 2.77
N VAL A 167 12.62 -8.11 3.71
CA VAL A 167 14.01 -8.41 3.39
C VAL A 167 14.18 -9.70 2.60
N THR A 168 13.41 -10.74 2.93
CA THR A 168 13.54 -12.01 2.19
C THR A 168 13.00 -11.85 0.78
N GLU A 169 11.98 -11.01 0.63
CA GLU A 169 11.38 -10.75 -0.67
C GLU A 169 12.38 -9.98 -1.53
N ALA A 170 13.03 -9.00 -0.93
CA ALA A 170 14.00 -8.16 -1.63
C ALA A 170 15.33 -8.83 -1.95
N LEU A 171 15.63 -9.90 -1.22
CA LEU A 171 16.89 -10.59 -1.41
C LEU A 171 16.69 -12.00 -1.95
N LYS A 172 15.60 -12.19 -2.67
CA LYS A 172 15.28 -13.49 -3.25
C LYS A 172 16.47 -14.08 -4.05
N PRO A 173 17.19 -13.25 -4.81
CA PRO A 173 18.33 -13.70 -5.61
C PRO A 173 19.45 -14.34 -4.82
N TYR A 174 19.46 -14.09 -3.51
CA TYR A 174 20.50 -14.61 -2.65
C TYR A 174 20.11 -15.82 -1.81
N SER A 175 18.93 -16.40 -2.05
CA SER A 175 18.49 -17.53 -1.25
C SER A 175 19.02 -18.89 -1.67
N SER A 176 19.31 -19.06 -2.95
CA SER A 176 19.82 -20.33 -3.45
C SER A 176 20.43 -21.20 -2.36
N GLY A 177 19.70 -22.23 -1.93
CA GLY A 177 20.23 -23.11 -0.91
C GLY A 177 19.47 -23.13 0.41
N GLY A 178 18.69 -22.09 0.69
CA GLY A 178 17.95 -22.05 1.93
C GLY A 178 16.56 -22.65 1.73
N PRO A 179 15.89 -23.09 2.80
CA PRO A 179 14.55 -23.66 2.61
C PRO A 179 13.59 -22.54 2.24
N ARG A 180 12.37 -22.91 1.87
CA ARG A 180 11.38 -21.93 1.51
C ARG A 180 10.87 -21.29 2.80
N VAL A 181 10.64 -19.97 2.76
CA VAL A 181 10.16 -19.26 3.93
C VAL A 181 8.73 -18.73 3.75
N TRP A 182 7.91 -18.92 4.78
CA TRP A 182 6.52 -18.48 4.77
C TRP A 182 6.33 -17.51 5.92
N PHE A 183 5.43 -16.55 5.74
CA PHE A 183 5.13 -15.59 6.79
C PHE A 183 3.64 -15.55 7.12
N VAL A 184 3.32 -15.95 8.35
CA VAL A 184 1.95 -15.96 8.84
C VAL A 184 1.89 -14.81 9.83
N SER A 185 0.87 -13.96 9.72
CA SER A 185 0.79 -12.82 10.62
C SER A 185 -0.60 -12.44 11.09
N ASN A 186 -1.53 -12.35 10.15
CA ASN A 186 -2.90 -11.97 10.49
C ASN A 186 -3.57 -13.02 11.36
N ILE A 187 -4.44 -12.59 12.26
CA ILE A 187 -5.18 -13.51 13.10
C ILE A 187 -6.21 -14.18 12.18
N ASP A 188 -6.67 -13.44 11.17
CA ASP A 188 -7.64 -13.95 10.20
C ASP A 188 -7.24 -15.39 9.88
N GLY A 189 -8.08 -16.34 10.28
CA GLY A 189 -7.81 -17.75 10.07
C GLY A 189 -7.30 -18.14 8.70
N THR A 190 -7.73 -17.39 7.70
CA THR A 190 -7.33 -17.63 6.32
C THR A 190 -5.82 -17.67 6.12
N HIS A 191 -5.10 -16.81 6.83
CA HIS A 191 -3.66 -16.73 6.69
C HIS A 191 -2.90 -18.01 7.06
N ILE A 192 -3.15 -18.51 8.26
CA ILE A 192 -2.46 -19.72 8.68
C ILE A 192 -3.08 -20.95 8.00
N ALA A 193 -4.38 -20.91 7.78
CA ALA A 193 -5.07 -22.02 7.14
C ALA A 193 -4.50 -22.35 5.77
N LYS A 194 -4.40 -21.35 4.91
CA LYS A 194 -3.88 -21.57 3.55
C LYS A 194 -2.38 -21.86 3.54
N THR A 195 -1.68 -21.43 4.58
CA THR A 195 -0.26 -21.68 4.67
C THR A 195 -0.02 -23.13 5.09
N LEU A 196 -0.77 -23.60 6.09
CA LEU A 196 -0.63 -24.96 6.59
C LEU A 196 -1.09 -26.03 5.61
N ALA A 197 -2.00 -25.67 4.72
CA ALA A 197 -2.51 -26.63 3.75
C ALA A 197 -1.46 -26.99 2.71
N CYS A 198 -0.34 -26.29 2.71
CA CYS A 198 0.72 -26.55 1.75
C CYS A 198 1.94 -27.20 2.39
N LEU A 199 1.89 -27.41 3.69
CA LEU A 199 3.02 -27.97 4.40
C LEU A 199 2.92 -29.40 4.88
N ASN A 200 4.09 -29.99 5.10
CA ASN A 200 4.21 -31.34 5.61
C ASN A 200 4.73 -31.12 7.03
N PRO A 201 3.99 -31.57 8.04
CA PRO A 201 4.39 -31.40 9.44
C PRO A 201 5.80 -31.95 9.69
N GLU A 202 6.12 -33.04 9.00
CA GLU A 202 7.41 -33.70 9.16
C GLU A 202 8.61 -32.88 8.73
N SER A 203 8.42 -31.98 7.76
CA SER A 203 9.54 -31.17 7.29
C SER A 203 9.33 -29.67 7.43
N SER A 204 8.47 -29.28 8.35
CA SER A 204 8.19 -27.86 8.58
C SER A 204 8.78 -27.42 9.91
N LEU A 205 9.37 -26.23 9.92
CA LEU A 205 9.97 -25.66 11.13
C LEU A 205 9.27 -24.34 11.38
N PHE A 206 8.59 -24.21 12.53
CA PHE A 206 7.89 -22.99 12.87
C PHE A 206 8.71 -22.04 13.74
N ILE A 207 8.72 -20.76 13.37
CA ILE A 207 9.42 -19.75 14.11
C ILE A 207 8.39 -18.80 14.70
N ILE A 208 8.27 -18.79 16.03
CA ILE A 208 7.31 -17.93 16.71
C ILE A 208 8.03 -16.64 17.07
N ALA A 209 7.81 -15.62 16.25
CA ALA A 209 8.43 -14.31 16.44
C ALA A 209 7.53 -13.34 17.19
N SER A 210 7.95 -12.98 18.40
CA SER A 210 7.20 -12.04 19.24
C SER A 210 8.09 -11.50 20.34
N LYS A 211 8.28 -10.19 20.36
CA LYS A 211 9.12 -9.57 21.39
C LYS A 211 8.58 -9.84 22.80
N THR A 212 7.30 -9.57 22.99
CA THR A 212 6.63 -9.75 24.28
C THR A 212 6.19 -11.19 24.47
N PHE A 213 5.89 -11.86 23.37
CA PHE A 213 5.43 -13.23 23.36
C PHE A 213 4.05 -13.35 24.02
N THR A 214 3.26 -12.29 23.89
CA THR A 214 1.92 -12.29 24.47
C THR A 214 0.90 -11.68 23.51
N THR A 215 1.37 -10.96 22.51
CA THR A 215 0.44 -10.44 21.51
C THR A 215 -0.58 -11.58 21.28
N GLN A 216 -1.85 -11.25 21.05
CA GLN A 216 -2.92 -12.30 20.87
C GLN A 216 -2.83 -12.97 19.50
N GLU A 217 -2.64 -12.20 18.44
CA GLU A 217 -2.59 -12.79 17.11
C GLU A 217 -1.52 -13.86 16.97
N THR A 218 -0.29 -13.53 17.35
CA THR A 218 0.83 -14.44 17.24
C THR A 218 0.74 -15.67 18.14
N ILE A 219 0.36 -15.50 19.40
CA ILE A 219 0.24 -16.65 20.27
C ILE A 219 -0.86 -17.54 19.75
N THR A 220 -2.02 -16.96 19.43
CA THR A 220 -3.12 -17.76 18.91
C THR A 220 -2.67 -18.52 17.66
N ASN A 221 -2.07 -17.82 16.70
CA ASN A 221 -1.58 -18.48 15.49
C ASN A 221 -0.62 -19.61 15.87
N ALA A 222 0.24 -19.35 16.85
CA ALA A 222 1.22 -20.34 17.31
C ALA A 222 0.58 -21.58 17.91
N LYS A 223 -0.49 -21.39 18.68
CA LYS A 223 -1.18 -22.53 19.29
C LYS A 223 -1.84 -23.36 18.19
N THR A 224 -2.46 -22.68 17.22
CA THR A 224 -3.11 -23.36 16.12
C THR A 224 -2.11 -24.20 15.35
N ALA A 225 -0.93 -23.63 15.08
CA ALA A 225 0.11 -24.35 14.35
C ALA A 225 0.55 -25.55 15.19
N LYS A 226 0.81 -25.32 16.47
CA LYS A 226 1.25 -26.38 17.37
C LYS A 226 0.23 -27.52 17.40
N ASP A 227 -1.06 -27.19 17.47
CA ASP A 227 -2.11 -28.20 17.48
C ASP A 227 -2.07 -28.95 16.17
N TRP A 228 -2.05 -28.20 15.08
CA TRP A 228 -2.01 -28.75 13.73
C TRP A 228 -0.91 -29.80 13.63
N PHE A 229 0.28 -29.42 14.07
CA PHE A 229 1.44 -30.30 14.06
C PHE A 229 1.21 -31.50 14.98
N LEU A 230 0.89 -31.20 16.23
CA LEU A 230 0.67 -32.24 17.23
C LEU A 230 -0.49 -33.17 16.88
N LEU A 231 -1.21 -32.83 15.82
CA LEU A 231 -2.33 -33.65 15.39
C LEU A 231 -1.83 -34.87 14.63
N SER A 232 -0.70 -34.73 13.95
CA SER A 232 -0.14 -35.84 13.18
C SER A 232 1.07 -36.49 13.84
N ALA A 233 1.70 -35.77 14.77
CA ALA A 233 2.87 -36.29 15.47
C ALA A 233 2.50 -36.75 16.88
N LYS A 234 1.39 -36.22 17.39
CA LYS A 234 0.84 -36.51 18.73
C LYS A 234 1.84 -36.52 19.89
N ASP A 235 3.08 -36.82 19.64
CA ASP A 235 4.05 -36.88 20.74
C ASP A 235 4.46 -35.43 21.04
N PRO A 236 4.15 -34.89 22.24
CA PRO A 236 4.46 -33.50 22.56
C PRO A 236 5.93 -33.21 22.53
N SER A 237 6.74 -34.23 22.75
CA SER A 237 8.20 -34.06 22.82
C SER A 237 8.82 -33.79 21.45
N THR A 238 8.08 -34.09 20.38
CA THR A 238 8.58 -33.86 19.03
C THR A 238 8.62 -32.35 18.72
N VAL A 239 7.79 -31.59 19.43
CA VAL A 239 7.71 -30.14 19.22
C VAL A 239 9.08 -29.47 19.23
N ALA A 240 10.00 -29.98 20.05
CA ALA A 240 11.34 -29.42 20.17
C ALA A 240 12.13 -29.42 18.87
N LYS A 241 11.70 -30.22 17.90
CA LYS A 241 12.40 -30.26 16.62
C LYS A 241 11.69 -29.42 15.56
N HIS A 242 10.51 -28.90 15.92
CA HIS A 242 9.73 -28.12 14.96
C HIS A 242 9.30 -26.70 15.39
N PHE A 243 9.65 -26.29 16.59
CA PHE A 243 9.28 -24.96 17.05
C PHE A 243 10.41 -24.26 17.81
N VAL A 244 10.77 -23.07 17.34
CA VAL A 244 11.78 -22.26 17.99
C VAL A 244 11.12 -20.91 18.24
N ALA A 245 11.73 -20.08 19.08
CA ALA A 245 11.16 -18.77 19.38
C ALA A 245 12.16 -17.63 19.38
N LEU A 246 11.70 -16.47 18.93
CA LEU A 246 12.50 -15.26 18.89
C LEU A 246 11.76 -14.33 19.85
N SER A 247 12.35 -14.02 21.00
CA SER A 247 11.65 -13.17 21.95
C SER A 247 12.56 -12.64 23.06
N THR A 248 12.02 -11.75 23.88
CA THR A 248 12.77 -11.20 25.00
C THR A 248 12.20 -11.81 26.28
N ASN A 249 11.09 -12.54 26.12
CA ASN A 249 10.37 -13.16 27.25
C ASN A 249 10.60 -14.66 27.36
N THR A 250 11.63 -15.03 28.11
CA THR A 250 11.97 -16.43 28.31
C THR A 250 10.84 -17.22 28.99
N ALA A 251 10.35 -16.70 30.10
CA ALA A 251 9.27 -17.33 30.85
C ALA A 251 8.07 -17.70 29.98
N LYS A 252 7.57 -16.73 29.21
CA LYS A 252 6.43 -16.97 28.34
C LYS A 252 6.76 -17.98 27.25
N VAL A 253 7.99 -17.95 26.74
CA VAL A 253 8.39 -18.88 25.71
C VAL A 253 8.36 -20.31 26.28
N LYS A 254 8.86 -20.46 27.50
CA LYS A 254 8.89 -21.76 28.16
C LYS A 254 7.49 -22.20 28.50
N GLU A 255 6.67 -21.26 28.99
CA GLU A 255 5.30 -21.58 29.33
C GLU A 255 4.56 -22.05 28.08
N PHE A 256 4.90 -21.47 26.93
CA PHE A 256 4.25 -21.88 25.69
C PHE A 256 4.58 -23.33 25.36
N GLY A 257 5.68 -23.84 25.91
CA GLY A 257 6.06 -25.21 25.65
C GLY A 257 7.32 -25.36 24.83
N ILE A 258 8.03 -24.24 24.63
CA ILE A 258 9.27 -24.25 23.84
C ILE A 258 10.48 -24.24 24.77
N ASP A 259 11.36 -25.22 24.60
CA ASP A 259 12.56 -25.33 25.41
C ASP A 259 13.50 -24.14 25.21
N PRO A 260 14.27 -23.78 26.24
CA PRO A 260 15.23 -22.67 26.24
C PRO A 260 16.23 -22.73 25.08
N GLN A 261 16.86 -23.89 24.93
CA GLN A 261 17.83 -24.12 23.87
C GLN A 261 17.28 -23.63 22.52
N ASN A 262 15.95 -23.66 22.39
CA ASN A 262 15.29 -23.25 21.16
C ASN A 262 14.83 -21.80 21.15
N MET A 263 15.37 -20.99 22.03
CA MET A 263 14.98 -19.59 22.08
C MET A 263 16.14 -18.69 21.68
N PHE A 264 15.88 -17.80 20.72
CA PHE A 264 16.86 -16.85 20.26
C PHE A 264 16.37 -15.51 20.77
N GLU A 265 17.02 -14.98 21.79
CA GLU A 265 16.56 -13.75 22.40
C GLU A 265 17.16 -12.42 21.96
N PHE A 266 16.40 -11.37 22.20
CA PHE A 266 16.86 -10.02 21.94
C PHE A 266 16.49 -9.21 23.20
N TRP A 267 16.60 -7.91 23.16
CA TRP A 267 16.37 -7.13 24.38
C TRP A 267 15.36 -6.01 24.16
N ASP A 268 14.96 -5.44 25.30
CA ASP A 268 13.93 -4.40 25.33
C ASP A 268 14.35 -3.14 24.59
N TRP A 269 15.65 -2.91 24.46
CA TRP A 269 16.08 -1.71 23.74
C TRP A 269 16.04 -1.92 22.23
N VAL A 270 15.43 -3.03 21.81
CA VAL A 270 15.27 -3.35 20.40
C VAL A 270 13.81 -3.12 20.03
N GLY A 271 13.53 -2.00 19.38
CA GLY A 271 12.16 -1.71 18.99
C GLY A 271 11.69 -2.69 17.94
N GLY A 272 10.46 -3.18 18.09
CA GLY A 272 9.90 -4.13 17.13
C GLY A 272 10.11 -3.74 15.68
N ARG A 273 9.82 -2.47 15.35
CA ARG A 273 9.97 -1.99 13.98
C ARG A 273 11.44 -1.71 13.65
N TYR A 274 12.32 -2.04 14.58
CA TYR A 274 13.77 -1.88 14.39
C TYR A 274 14.48 -3.18 14.83
N SER A 275 13.76 -4.30 14.67
CA SER A 275 14.23 -5.61 15.19
C SER A 275 14.73 -6.62 14.13
N LEU A 276 14.47 -6.40 12.87
CA LEU A 276 14.90 -7.40 11.85
C LEU A 276 16.42 -7.66 11.93
N TRP A 277 17.12 -6.77 12.64
CA TRP A 277 18.58 -6.86 12.80
C TRP A 277 18.99 -7.81 13.91
N SER A 278 18.02 -8.24 14.70
CA SER A 278 18.26 -9.15 15.82
C SER A 278 17.80 -10.55 15.49
N ALA A 279 17.53 -11.35 16.52
CA ALA A 279 17.06 -12.72 16.38
C ALA A 279 15.84 -12.78 15.44
N ILE A 280 15.07 -11.69 15.38
CA ILE A 280 13.90 -11.61 14.52
C ILE A 280 14.29 -11.87 13.07
N GLY A 281 15.56 -11.62 12.74
CA GLY A 281 16.02 -11.84 11.39
C GLY A 281 16.42 -13.26 11.09
N LEU A 282 16.13 -14.18 12.02
CA LEU A 282 16.50 -15.58 11.82
C LEU A 282 15.99 -16.16 10.51
N SER A 283 14.75 -15.83 10.14
CA SER A 283 14.18 -16.33 8.90
C SER A 283 14.91 -15.72 7.69
N ILE A 284 15.50 -14.54 7.87
CA ILE A 284 16.26 -13.92 6.79
C ILE A 284 17.56 -14.72 6.62
N ALA A 285 18.21 -14.99 7.75
CA ALA A 285 19.47 -15.74 7.76
C ALA A 285 19.26 -17.15 7.21
N LEU A 286 18.16 -17.80 7.61
CA LEU A 286 17.87 -19.14 7.14
C LEU A 286 17.68 -19.16 5.63
N HIS A 287 17.06 -18.11 5.11
CA HIS A 287 16.75 -17.98 3.70
C HIS A 287 17.93 -17.64 2.78
N VAL A 288 18.75 -16.68 3.19
CA VAL A 288 19.87 -16.28 2.36
C VAL A 288 21.25 -16.63 2.89
N GLY A 289 21.29 -17.36 4.00
CA GLY A 289 22.58 -17.74 4.57
C GLY A 289 23.07 -16.67 5.53
N PHE A 290 23.96 -17.04 6.44
CA PHE A 290 24.45 -16.08 7.42
C PHE A 290 25.46 -15.08 6.86
N ASP A 291 26.20 -15.47 5.84
CA ASP A 291 27.17 -14.56 5.22
C ASP A 291 26.42 -13.34 4.71
N ASN A 292 25.28 -13.57 4.05
CA ASN A 292 24.48 -12.48 3.52
C ASN A 292 23.84 -11.69 4.67
N PHE A 293 23.43 -12.39 5.72
CA PHE A 293 22.82 -11.72 6.86
C PHE A 293 23.82 -10.73 7.46
N GLU A 294 25.06 -11.18 7.62
CA GLU A 294 26.11 -10.32 8.18
C GLU A 294 26.34 -9.14 7.25
N GLN A 295 26.17 -9.40 5.95
CA GLN A 295 26.35 -8.36 4.95
C GLN A 295 25.26 -7.32 5.13
N LEU A 296 24.04 -7.79 5.42
CA LEU A 296 22.90 -6.90 5.64
C LEU A 296 23.21 -5.99 6.84
N LEU A 297 23.70 -6.60 7.92
CA LEU A 297 24.05 -5.84 9.14
C LEU A 297 25.19 -4.85 8.88
N SER A 298 26.19 -5.29 8.09
CA SER A 298 27.33 -4.44 7.77
C SER A 298 26.89 -3.18 7.03
N GLY A 299 25.96 -3.35 6.09
CA GLY A 299 25.45 -2.22 5.35
C GLY A 299 24.81 -1.21 6.29
N ALA A 300 24.02 -1.71 7.24
CA ALA A 300 23.37 -0.82 8.22
C ALA A 300 24.46 -0.13 9.02
N HIS A 301 25.42 -0.91 9.47
CA HIS A 301 26.54 -0.40 10.26
C HIS A 301 27.28 0.69 9.50
N TRP A 302 27.44 0.52 8.19
CA TRP A 302 28.12 1.52 7.40
C TRP A 302 27.32 2.82 7.46
N MET A 303 26.00 2.71 7.26
CA MET A 303 25.13 3.88 7.27
C MET A 303 25.11 4.50 8.66
N ASP A 304 25.16 3.66 9.69
CA ASP A 304 25.16 4.17 11.07
C ASP A 304 26.36 5.09 11.26
N GLN A 305 27.52 4.63 10.80
CA GLN A 305 28.74 5.42 10.92
C GLN A 305 28.67 6.68 10.08
N HIS A 306 28.15 6.58 8.87
CA HIS A 306 28.01 7.74 8.01
C HIS A 306 27.18 8.80 8.73
N PHE A 307 26.11 8.35 9.35
CA PHE A 307 25.20 9.22 10.07
C PHE A 307 25.84 9.88 11.28
N ARG A 308 26.67 9.12 11.99
CA ARG A 308 27.30 9.63 13.19
C ARG A 308 28.51 10.55 12.99
N THR A 309 29.26 10.32 11.92
CA THR A 309 30.48 11.09 11.68
C THR A 309 30.45 12.15 10.57
N THR A 310 29.34 12.28 9.87
CA THR A 310 29.24 13.23 8.76
C THR A 310 28.65 14.59 9.08
N PRO A 311 29.35 15.67 8.71
CA PRO A 311 28.78 17.00 9.01
C PRO A 311 27.36 17.05 8.44
N LEU A 312 26.43 17.58 9.22
CA LEU A 312 25.02 17.66 8.82
C LEU A 312 24.72 17.95 7.36
N GLU A 313 25.37 18.98 6.80
CA GLU A 313 25.13 19.36 5.41
C GLU A 313 25.47 18.28 4.39
N LYS A 314 26.18 17.25 4.84
CA LYS A 314 26.58 16.15 3.96
C LYS A 314 26.02 14.82 4.46
N ASN A 315 25.23 14.90 5.53
CA ASN A 315 24.63 13.74 6.18
C ASN A 315 23.31 13.31 5.50
N ALA A 316 23.33 12.17 4.81
CA ALA A 316 22.14 11.69 4.08
C ALA A 316 20.82 11.63 4.86
N PRO A 317 20.79 10.88 5.98
CA PRO A 317 19.53 10.81 6.75
C PRO A 317 19.08 12.18 7.24
N VAL A 318 20.02 13.02 7.64
CA VAL A 318 19.68 14.36 8.11
C VAL A 318 19.03 15.17 6.98
N LEU A 319 19.60 15.10 5.79
CA LEU A 319 19.07 15.84 4.64
C LEU A 319 17.65 15.36 4.30
N LEU A 320 17.45 14.05 4.26
CA LEU A 320 16.13 13.49 3.96
C LEU A 320 15.13 13.94 5.03
N ALA A 321 15.55 13.90 6.28
CA ALA A 321 14.71 14.30 7.41
C ALA A 321 14.24 15.77 7.32
N MET A 322 15.18 16.68 7.09
CA MET A 322 14.83 18.10 7.01
C MET A 322 14.01 18.44 5.77
N LEU A 323 14.29 17.79 4.64
CA LEU A 323 13.48 18.05 3.46
C LEU A 323 12.06 17.64 3.82
N GLY A 324 11.93 16.53 4.54
CA GLY A 324 10.62 16.06 4.97
C GLY A 324 9.97 17.08 5.88
N ILE A 325 10.74 17.61 6.83
CA ILE A 325 10.23 18.62 7.77
C ILE A 325 9.72 19.80 6.96
N TRP A 326 10.49 20.18 5.95
CA TRP A 326 10.16 21.29 5.07
C TRP A 326 8.77 21.13 4.45
N TYR A 327 8.53 19.96 3.87
CA TYR A 327 7.24 19.68 3.23
C TYR A 327 6.12 19.44 4.24
N ILE A 328 6.47 18.84 5.36
CA ILE A 328 5.48 18.54 6.39
C ILE A 328 5.04 19.75 7.19
N ASN A 329 6.01 20.47 7.73
CA ASN A 329 5.73 21.63 8.56
C ASN A 329 5.57 22.97 7.86
N CYS A 330 6.04 23.08 6.62
CA CYS A 330 5.90 24.34 5.90
C CYS A 330 4.92 24.25 4.75
N PHE A 331 4.97 23.18 3.96
CA PHE A 331 4.03 23.05 2.86
C PHE A 331 2.76 22.35 3.30
N GLY A 332 2.80 21.73 4.48
CA GLY A 332 1.63 21.05 5.01
C GLY A 332 1.26 19.75 4.31
N CYS A 333 2.23 19.11 3.68
CA CYS A 333 1.98 17.85 2.99
C CYS A 333 1.73 16.71 3.98
N GLU A 334 0.62 16.01 3.81
CA GLU A 334 0.26 14.92 4.71
C GLU A 334 0.98 13.61 4.46
N THR A 335 1.40 13.38 3.22
CA THR A 335 2.02 12.11 2.88
C THR A 335 3.43 12.12 2.33
N GLN A 336 4.01 10.93 2.31
CA GLN A 336 5.34 10.70 1.78
C GLN A 336 5.24 9.45 0.92
N ALA A 337 5.42 9.61 -0.38
CA ALA A 337 5.37 8.47 -1.29
C ALA A 337 6.75 7.85 -1.42
N VAL A 338 6.80 6.52 -1.38
CA VAL A 338 8.04 5.75 -1.51
C VAL A 338 7.79 4.87 -2.73
N LEU A 339 8.51 5.17 -3.81
CA LEU A 339 8.33 4.48 -5.08
C LEU A 339 9.58 3.81 -5.61
N PRO A 340 9.86 2.59 -5.14
CA PRO A 340 11.05 1.87 -5.60
C PRO A 340 10.79 1.22 -6.96
N TYR A 341 11.69 1.45 -7.92
CA TYR A 341 11.52 0.83 -9.24
C TYR A 341 12.23 -0.50 -9.20
N ASP A 342 11.66 -1.40 -8.41
CA ASP A 342 12.22 -2.72 -8.20
C ASP A 342 11.12 -3.60 -7.63
N GLN A 343 10.75 -4.62 -8.40
CA GLN A 343 9.71 -5.55 -7.98
C GLN A 343 10.08 -6.28 -6.68
N TYR A 344 11.38 -6.50 -6.47
CA TYR A 344 11.83 -7.18 -5.26
C TYR A 344 11.52 -6.34 -4.01
N LEU A 345 11.41 -5.04 -4.18
CA LEU A 345 11.11 -4.14 -3.07
C LEU A 345 9.63 -3.85 -2.90
N HIS A 346 8.78 -4.74 -3.42
CA HIS A 346 7.34 -4.54 -3.34
C HIS A 346 6.78 -4.44 -1.93
N ARG A 347 7.58 -4.74 -0.91
CA ARG A 347 7.12 -4.66 0.48
C ARG A 347 7.85 -3.58 1.27
N PHE A 348 8.73 -2.87 0.56
CA PHE A 348 9.53 -1.81 1.15
C PHE A 348 8.68 -0.68 1.72
N ALA A 349 7.68 -0.24 0.97
CA ALA A 349 6.81 0.83 1.42
C ALA A 349 5.99 0.40 2.63
N ALA A 350 5.47 -0.83 2.59
CA ALA A 350 4.68 -1.35 3.70
C ALA A 350 5.53 -1.43 4.98
N TYR A 351 6.80 -1.79 4.81
CA TYR A 351 7.70 -1.90 5.95
C TYR A 351 7.85 -0.58 6.67
N PHE A 352 8.11 0.47 5.89
CA PHE A 352 8.29 1.78 6.49
C PHE A 352 7.00 2.46 6.91
N GLN A 353 5.85 1.86 6.61
CA GLN A 353 4.59 2.45 7.07
C GLN A 353 4.64 2.25 8.58
N GLN A 354 5.22 1.15 9.03
CA GLN A 354 5.34 0.94 10.47
C GLN A 354 6.56 1.69 11.01
N GLY A 355 7.71 1.47 10.40
CA GLY A 355 8.92 2.14 10.85
C GLY A 355 8.77 3.64 11.01
N ASP A 356 8.08 4.27 10.07
CA ASP A 356 7.89 5.71 10.10
C ASP A 356 6.66 6.09 10.92
N MET A 357 5.49 5.66 10.45
CA MET A 357 4.22 5.95 11.09
C MET A 357 4.06 5.50 12.55
N GLU A 358 4.50 4.29 12.89
CA GLU A 358 4.34 3.88 14.28
C GLU A 358 5.35 4.62 15.17
N SER A 359 6.41 5.12 14.56
CA SER A 359 7.42 5.87 15.31
C SER A 359 7.02 7.31 15.53
N ASN A 360 6.71 8.01 14.44
CA ASN A 360 6.38 9.42 14.54
C ASN A 360 4.94 9.86 14.47
N GLY A 361 4.01 8.90 14.54
CA GLY A 361 2.60 9.24 14.51
C GLY A 361 2.22 9.56 15.95
N LYS A 362 2.80 10.64 16.47
CA LYS A 362 2.58 11.06 17.85
C LYS A 362 2.11 12.51 17.96
N TYR A 363 1.59 12.87 19.13
CA TYR A 363 1.13 14.22 19.34
C TYR A 363 1.48 14.76 20.75
N ILE A 364 2.24 13.98 21.51
CA ILE A 364 2.67 14.40 22.85
C ILE A 364 4.20 14.46 22.87
N THR A 365 4.75 15.64 23.16
CA THR A 365 6.20 15.82 23.19
C THR A 365 6.84 15.09 24.37
N LYS A 366 8.17 15.08 24.40
CA LYS A 366 8.90 14.43 25.48
C LYS A 366 8.62 15.08 26.82
N SER A 367 8.36 16.39 26.80
CA SER A 367 8.07 17.12 28.02
C SER A 367 6.65 16.85 28.52
N GLY A 368 5.84 16.21 27.69
CA GLY A 368 4.46 15.92 28.08
C GLY A 368 3.47 16.90 27.50
N ALA A 369 3.96 17.83 26.69
CA ALA A 369 3.11 18.84 26.07
C ALA A 369 2.47 18.35 24.77
N ARG A 370 1.32 18.92 24.44
CA ARG A 370 0.60 18.58 23.22
C ARG A 370 1.23 19.37 22.08
N VAL A 371 1.60 18.69 21.00
CA VAL A 371 2.23 19.39 19.87
C VAL A 371 1.21 20.33 19.23
N ASP A 372 1.69 21.42 18.66
CA ASP A 372 0.82 22.38 18.00
C ASP A 372 1.30 22.54 16.56
N HIS A 373 1.81 21.43 16.02
CA HIS A 373 2.32 21.36 14.66
C HIS A 373 2.18 19.92 14.18
N GLN A 374 2.37 19.70 12.89
CA GLN A 374 2.27 18.36 12.32
C GLN A 374 3.46 17.48 12.73
N THR A 375 3.23 16.17 12.82
CA THR A 375 4.30 15.22 13.12
C THR A 375 4.43 14.29 11.90
N GLY A 376 4.71 13.01 12.15
CA GLY A 376 4.88 12.04 11.07
C GLY A 376 3.87 12.02 9.94
N PRO A 377 4.33 11.74 8.71
CA PRO A 377 3.44 11.71 7.55
C PRO A 377 2.85 10.32 7.29
N ILE A 378 1.92 10.25 6.35
CA ILE A 378 1.33 8.97 5.98
C ILE A 378 2.21 8.44 4.85
N VAL A 379 2.86 7.31 5.11
CA VAL A 379 3.74 6.70 4.13
C VAL A 379 2.95 5.74 3.25
N TRP A 380 3.22 5.75 1.95
CA TRP A 380 2.54 4.85 1.01
C TRP A 380 3.32 4.72 -0.29
N GLY A 381 2.87 3.78 -1.13
CA GLY A 381 3.51 3.58 -2.42
C GLY A 381 3.48 2.16 -3.00
N GLU A 382 3.82 2.08 -4.27
CA GLU A 382 3.90 0.80 -4.98
C GLU A 382 5.13 0.81 -5.90
N PRO A 383 5.73 -0.34 -6.21
CA PRO A 383 6.87 -0.37 -7.10
C PRO A 383 6.49 0.23 -8.47
N GLY A 384 7.42 0.99 -9.07
CA GLY A 384 7.29 1.51 -10.40
C GLY A 384 7.79 0.55 -11.42
N THR A 385 7.26 0.63 -12.66
CA THR A 385 6.34 1.56 -13.24
C THR A 385 4.87 1.37 -12.98
N ASN A 386 4.61 0.20 -12.39
CA ASN A 386 3.30 -0.37 -11.99
C ASN A 386 2.39 0.76 -11.52
N GLY A 387 2.99 1.57 -10.68
CA GLY A 387 2.32 2.73 -10.08
C GLY A 387 1.98 3.77 -11.16
N GLN A 388 2.91 3.94 -12.07
CA GLN A 388 2.80 4.89 -13.18
C GLN A 388 1.48 4.70 -13.92
N HIS A 389 0.91 3.54 -13.72
CA HIS A 389 -0.32 3.16 -14.41
C HIS A 389 -1.47 3.00 -13.41
N ALA A 390 -1.25 3.50 -12.21
CA ALA A 390 -2.26 3.38 -11.16
C ALA A 390 -2.65 4.72 -10.55
N PHE A 391 -1.68 5.37 -9.91
CA PHE A 391 -1.98 6.62 -9.21
C PHE A 391 -1.12 7.82 -9.61
N TYR A 392 -0.19 7.64 -10.52
CA TYR A 392 0.67 8.78 -10.93
C TYR A 392 -0.20 9.88 -11.55
N GLN A 393 -1.34 9.49 -12.11
CA GLN A 393 -2.27 10.45 -12.72
C GLN A 393 -2.54 11.55 -11.69
N LEU A 394 -2.85 11.13 -10.47
CA LEU A 394 -3.15 12.08 -9.40
C LEU A 394 -1.90 12.84 -8.97
N ILE A 395 -0.74 12.20 -9.01
CA ILE A 395 0.50 12.85 -8.63
C ILE A 395 0.87 13.95 -9.63
N HIS A 396 0.56 13.71 -10.91
CA HIS A 396 0.85 14.67 -11.98
C HIS A 396 -0.20 15.77 -12.12
N GLN A 397 -1.47 15.39 -12.15
CA GLN A 397 -2.54 16.37 -12.34
C GLN A 397 -3.59 16.44 -11.25
N GLY A 398 -3.22 16.02 -10.04
CA GLY A 398 -4.15 16.06 -8.92
C GLY A 398 -4.10 17.42 -8.24
N THR A 399 -4.68 17.51 -7.05
CA THR A 399 -4.70 18.79 -6.33
C THR A 399 -3.90 18.75 -5.03
N LYS A 400 -3.01 17.78 -4.91
CA LYS A 400 -2.23 17.64 -3.70
C LYS A 400 -0.73 17.58 -3.95
N MET A 401 0.05 18.19 -3.05
CA MET A 401 1.50 18.14 -3.17
C MET A 401 1.91 16.84 -2.48
N ILE A 402 2.65 16.00 -3.20
CA ILE A 402 3.07 14.72 -2.67
C ILE A 402 4.57 14.46 -2.81
N PRO A 403 5.34 14.66 -1.72
CA PRO A 403 6.80 14.44 -1.77
C PRO A 403 7.02 12.98 -2.16
N CYS A 404 7.88 12.75 -3.15
CA CYS A 404 8.16 11.39 -3.64
C CYS A 404 9.62 10.97 -3.65
N ASP A 405 9.88 9.79 -3.08
CA ASP A 405 11.23 9.22 -3.07
C ASP A 405 11.26 8.11 -4.12
N PHE A 406 12.00 8.34 -5.21
CA PHE A 406 12.12 7.34 -6.26
C PHE A 406 13.44 6.59 -6.03
N LEU A 407 13.39 5.26 -5.91
CA LEU A 407 14.58 4.46 -5.69
C LEU A 407 14.79 3.42 -6.79
N ILE A 408 16.06 3.09 -7.08
CA ILE A 408 16.36 2.11 -8.10
C ILE A 408 17.83 1.68 -8.15
N PRO A 409 18.08 0.39 -8.43
CA PRO A 409 19.45 -0.13 -8.52
C PRO A 409 19.90 0.09 -9.96
N VAL A 410 21.17 0.40 -10.15
CA VAL A 410 21.67 0.62 -11.49
C VAL A 410 21.74 -0.73 -12.21
N GLN A 411 22.21 -1.72 -11.47
CA GLN A 411 22.36 -3.07 -11.99
C GLN A 411 21.19 -3.97 -11.54
N THR A 412 20.57 -4.69 -12.47
CA THR A 412 19.45 -5.58 -12.14
C THR A 412 19.96 -6.98 -11.80
N GLN A 413 19.18 -7.72 -11.02
CA GLN A 413 19.52 -9.09 -10.64
C GLN A 413 19.16 -10.04 -11.80
N HIS A 414 18.36 -9.56 -12.74
CA HIS A 414 17.94 -10.36 -13.89
C HIS A 414 18.06 -9.57 -15.20
N PRO A 415 19.30 -9.40 -15.71
CA PRO A 415 19.52 -8.66 -16.96
C PRO A 415 19.10 -9.43 -18.21
N ILE A 416 17.84 -9.86 -18.24
CA ILE A 416 17.32 -10.61 -19.37
C ILE A 416 17.24 -9.75 -20.63
N ARG A 417 17.12 -10.40 -21.78
CA ARG A 417 17.02 -9.70 -23.05
C ARG A 417 18.12 -8.65 -23.18
N LYS A 418 19.32 -9.01 -22.73
CA LYS A 418 20.48 -8.12 -22.80
C LYS A 418 20.27 -6.76 -22.14
N GLY A 419 19.52 -6.74 -21.05
CA GLY A 419 19.28 -5.50 -20.32
C GLY A 419 18.18 -4.60 -20.86
N LEU A 420 17.43 -5.09 -21.83
CA LEU A 420 16.35 -4.28 -22.40
C LEU A 420 15.28 -3.88 -21.38
N HIS A 421 14.84 -4.81 -20.54
CA HIS A 421 13.81 -4.50 -19.55
C HIS A 421 14.30 -3.45 -18.57
N HIS A 422 15.49 -3.67 -18.02
CA HIS A 422 16.03 -2.73 -17.05
C HIS A 422 16.28 -1.35 -17.66
N LYS A 423 16.66 -1.32 -18.94
CA LYS A 423 16.90 -0.05 -19.63
C LYS A 423 15.60 0.75 -19.64
N ILE A 424 14.51 0.07 -19.99
CA ILE A 424 13.21 0.72 -20.03
C ILE A 424 12.81 1.14 -18.61
N LEU A 425 13.10 0.30 -17.62
CA LEU A 425 12.77 0.61 -16.23
C LEU A 425 13.49 1.90 -15.81
N LEU A 426 14.78 1.97 -16.11
CA LEU A 426 15.59 3.15 -15.78
C LEU A 426 15.07 4.38 -16.53
N ALA A 427 14.66 4.19 -17.79
CA ALA A 427 14.16 5.28 -18.60
C ALA A 427 12.93 5.91 -17.95
N ASN A 428 12.04 5.06 -17.43
CA ASN A 428 10.82 5.54 -16.78
C ASN A 428 11.14 6.20 -15.45
N PHE A 429 12.07 5.61 -14.72
CA PHE A 429 12.52 6.11 -13.43
C PHE A 429 12.96 7.57 -13.63
N LEU A 430 13.83 7.78 -14.62
CA LEU A 430 14.35 9.10 -14.92
C LEU A 430 13.29 10.06 -15.46
N ALA A 431 12.53 9.60 -16.45
CA ALA A 431 11.50 10.40 -17.09
C ALA A 431 10.38 10.89 -16.18
N GLN A 432 10.01 10.08 -15.20
CA GLN A 432 8.96 10.45 -14.26
C GLN A 432 9.33 11.66 -13.41
N THR A 433 10.48 11.63 -12.77
CA THR A 433 10.85 12.79 -11.94
C THR A 433 11.09 14.02 -12.81
N GLU A 434 11.54 13.82 -14.04
CA GLU A 434 11.78 14.93 -14.95
C GLU A 434 10.42 15.54 -15.30
N ALA A 435 9.46 14.68 -15.58
CA ALA A 435 8.11 15.14 -15.92
C ALA A 435 7.49 15.88 -14.74
N LEU A 436 7.62 15.30 -13.54
CA LEU A 436 7.05 15.92 -12.35
C LEU A 436 7.65 17.30 -12.12
N MET A 437 8.91 17.44 -12.54
CA MET A 437 9.63 18.69 -12.38
C MET A 437 9.28 19.70 -13.48
N LYS A 438 9.57 19.33 -14.73
CA LYS A 438 9.32 20.21 -15.88
C LYS A 438 7.87 20.54 -16.25
N GLY A 439 6.96 19.58 -16.12
CA GLY A 439 5.58 19.84 -16.48
C GLY A 439 5.46 20.13 -17.97
N LYS A 440 4.33 20.69 -18.38
CA LYS A 440 4.11 21.03 -19.79
C LYS A 440 3.13 22.19 -19.82
N SER A 441 3.61 23.36 -20.24
CA SER A 441 2.78 24.57 -20.30
C SER A 441 1.72 24.55 -21.38
N THR A 442 0.77 25.47 -21.27
CA THR A 442 -0.31 25.59 -22.23
C THR A 442 0.28 25.81 -23.62
N GLU A 443 1.30 26.67 -23.66
CA GLU A 443 1.97 26.99 -24.91
C GLU A 443 2.60 25.72 -25.51
N GLU A 444 3.24 24.92 -24.68
CA GLU A 444 3.85 23.69 -25.17
C GLU A 444 2.76 22.72 -25.62
N ALA A 445 1.72 22.59 -24.80
CA ALA A 445 0.60 21.71 -25.12
C ALA A 445 -0.10 22.15 -26.40
N ARG A 446 -0.26 23.46 -26.57
CA ARG A 446 -0.92 23.99 -27.76
C ARG A 446 -0.14 23.64 -29.03
N LYS A 447 1.18 23.84 -29.01
CA LYS A 447 2.02 23.52 -30.16
C LYS A 447 1.83 22.07 -30.54
N GLU A 448 1.85 21.23 -29.51
CA GLU A 448 1.69 19.80 -29.63
C GLU A 448 0.37 19.47 -30.32
N LEU A 449 -0.72 20.06 -29.82
CA LEU A 449 -2.05 19.83 -30.39
C LEU A 449 -2.18 20.31 -31.84
N GLN A 450 -1.53 21.44 -32.16
CA GLN A 450 -1.59 21.97 -33.51
C GLN A 450 -0.84 21.02 -34.46
N ALA A 451 0.31 20.53 -34.03
CA ALA A 451 1.09 19.61 -34.84
C ALA A 451 0.30 18.33 -35.09
N ALA A 452 -0.65 18.04 -34.21
CA ALA A 452 -1.48 16.86 -34.34
C ALA A 452 -2.62 17.15 -35.31
N GLY A 453 -2.59 18.34 -35.90
CA GLY A 453 -3.61 18.73 -36.86
C GLY A 453 -5.04 18.76 -36.35
N LYS A 454 -5.21 19.12 -35.08
CA LYS A 454 -6.56 19.19 -34.51
C LYS A 454 -7.17 20.56 -34.76
N SER A 455 -8.43 20.58 -35.19
CA SER A 455 -9.12 21.83 -35.46
C SER A 455 -9.14 22.71 -34.22
N PRO A 456 -9.33 24.03 -34.41
CA PRO A 456 -9.36 24.98 -33.29
C PRO A 456 -10.35 24.57 -32.20
N GLU A 457 -11.52 24.09 -32.63
CA GLU A 457 -12.54 23.68 -31.68
C GLU A 457 -12.03 22.56 -30.79
N ASP A 458 -11.75 21.41 -31.39
CA ASP A 458 -11.24 20.25 -30.65
C ASP A 458 -10.00 20.59 -29.82
N LEU A 459 -9.09 21.34 -30.42
CA LEU A 459 -7.85 21.70 -29.74
C LEU A 459 -8.08 22.48 -28.45
N MET A 460 -8.90 23.51 -28.48
CA MET A 460 -9.13 24.31 -27.29
C MET A 460 -9.98 23.60 -26.23
N LYS A 461 -10.83 22.68 -26.65
CA LYS A 461 -11.66 21.95 -25.70
C LYS A 461 -10.78 20.97 -24.91
N LEU A 462 -9.71 20.52 -25.54
CA LEU A 462 -8.80 19.55 -24.94
C LEU A 462 -7.58 20.15 -24.27
N LEU A 463 -7.08 21.25 -24.82
CA LEU A 463 -5.89 21.94 -24.32
C LEU A 463 -5.61 22.00 -22.82
N PRO A 464 -6.53 22.57 -22.03
CA PRO A 464 -6.29 22.66 -20.58
C PRO A 464 -6.07 21.30 -19.88
N HIS A 465 -6.67 20.25 -20.44
CA HIS A 465 -6.55 18.91 -19.88
C HIS A 465 -5.19 18.29 -20.17
N LYS A 466 -4.45 18.87 -21.12
CA LYS A 466 -3.14 18.37 -21.51
C LYS A 466 -1.99 19.12 -20.86
N VAL A 467 -2.31 20.07 -19.99
CA VAL A 467 -1.31 20.88 -19.32
C VAL A 467 -0.85 20.26 -18.00
N PHE A 468 0.46 20.22 -17.79
CA PHE A 468 1.04 19.69 -16.56
C PHE A 468 1.75 20.85 -15.86
N GLU A 469 1.20 21.27 -14.73
CA GLU A 469 1.77 22.39 -13.99
C GLU A 469 3.16 22.08 -13.44
N GLY A 470 3.48 20.80 -13.31
CA GLY A 470 4.78 20.40 -12.80
C GLY A 470 5.08 20.96 -11.42
N ASN A 471 6.35 21.24 -11.17
CA ASN A 471 6.80 21.77 -9.89
C ASN A 471 6.53 20.80 -8.74
N ARG A 472 6.50 19.49 -9.07
CA ARG A 472 6.28 18.44 -8.08
C ARG A 472 7.64 17.95 -7.62
N PRO A 473 7.98 18.16 -6.34
CA PRO A 473 9.29 17.73 -5.81
C PRO A 473 9.50 16.23 -5.61
N THR A 474 10.74 15.79 -5.85
CA THR A 474 11.11 14.39 -5.69
C THR A 474 12.57 14.21 -5.31
N ASN A 475 12.86 13.05 -4.73
CA ASN A 475 14.20 12.65 -4.38
C ASN A 475 14.47 11.46 -5.29
N SER A 476 15.70 11.33 -5.76
CA SER A 476 16.07 10.19 -6.58
C SER A 476 17.24 9.53 -5.88
N ILE A 477 17.03 8.30 -5.44
CA ILE A 477 18.05 7.54 -4.75
C ILE A 477 18.45 6.39 -5.67
N VAL A 478 19.69 6.45 -6.15
CA VAL A 478 20.21 5.44 -7.06
C VAL A 478 21.40 4.72 -6.46
N PHE A 479 21.37 3.39 -6.50
CA PHE A 479 22.46 2.59 -5.97
C PHE A 479 22.93 1.59 -7.01
N THR A 480 24.21 1.26 -6.95
CA THR A 480 24.84 0.35 -7.89
C THR A 480 24.04 -0.93 -8.10
N LYS A 481 23.73 -1.61 -7.01
CA LYS A 481 22.98 -2.85 -7.08
C LYS A 481 22.27 -3.08 -5.77
N LEU A 482 21.14 -3.77 -5.80
CA LEU A 482 20.41 -4.05 -4.56
C LEU A 482 20.93 -5.34 -3.96
N THR A 483 22.03 -5.22 -3.23
CA THR A 483 22.68 -6.35 -2.56
C THR A 483 22.30 -6.32 -1.08
N PRO A 484 22.54 -7.42 -0.35
CA PRO A 484 22.21 -7.46 1.08
C PRO A 484 22.83 -6.28 1.81
N PHE A 485 24.07 -5.96 1.47
CA PHE A 485 24.79 -4.84 2.09
C PHE A 485 24.09 -3.51 1.80
N ILE A 486 23.79 -3.26 0.54
CA ILE A 486 23.14 -2.04 0.11
C ILE A 486 21.75 -1.86 0.70
N LEU A 487 20.95 -2.93 0.75
CA LEU A 487 19.62 -2.84 1.31
C LEU A 487 19.74 -2.42 2.77
N GLY A 488 20.69 -3.04 3.46
CA GLY A 488 20.91 -2.74 4.87
C GLY A 488 21.19 -1.27 5.12
N ALA A 489 22.01 -0.67 4.25
CA ALA A 489 22.34 0.75 4.40
C ALA A 489 21.11 1.61 4.12
N LEU A 490 20.35 1.25 3.09
CA LEU A 490 19.15 1.99 2.74
C LEU A 490 18.12 1.98 3.88
N ILE A 491 17.95 0.82 4.51
CA ILE A 491 16.99 0.70 5.59
C ILE A 491 17.43 1.54 6.79
N ALA A 492 18.72 1.46 7.12
CA ALA A 492 19.27 2.21 8.24
C ALA A 492 19.20 3.71 7.95
N MET A 493 19.36 4.06 6.68
CA MET A 493 19.29 5.45 6.28
C MET A 493 17.93 6.03 6.62
N TYR A 494 16.87 5.28 6.33
CA TYR A 494 15.53 5.75 6.63
C TYR A 494 15.23 5.65 8.13
N GLU A 495 15.83 4.68 8.81
CA GLU A 495 15.60 4.58 10.25
C GLU A 495 16.07 5.89 10.87
N HIS A 496 17.24 6.37 10.43
CA HIS A 496 17.80 7.60 10.95
C HIS A 496 17.09 8.86 10.48
N LYS A 497 16.51 8.83 9.29
CA LYS A 497 15.76 9.98 8.79
C LYS A 497 14.61 10.16 9.80
N ILE A 498 14.00 9.03 10.16
CA ILE A 498 12.89 8.99 11.10
C ILE A 498 13.34 9.50 12.49
N PHE A 499 14.51 9.06 12.93
CA PHE A 499 15.07 9.49 14.22
C PHE A 499 15.20 11.01 14.26
N VAL A 500 15.90 11.56 13.27
CA VAL A 500 16.10 13.01 13.20
C VAL A 500 14.78 13.77 13.27
N GLN A 501 13.81 13.38 12.44
CA GLN A 501 12.52 14.05 12.43
C GLN A 501 11.86 14.00 13.81
N GLY A 502 11.95 12.86 14.47
CA GLY A 502 11.37 12.73 15.79
C GLY A 502 12.05 13.70 16.75
N VAL A 503 13.36 13.82 16.61
CA VAL A 503 14.14 14.73 17.46
C VAL A 503 13.65 16.16 17.26
N VAL A 504 13.57 16.58 16.01
CA VAL A 504 13.11 17.93 15.70
C VAL A 504 11.71 18.21 16.27
N TRP A 505 10.82 17.24 16.18
CA TRP A 505 9.47 17.41 16.69
C TRP A 505 9.40 17.21 18.19
N ASP A 506 10.52 16.76 18.76
CA ASP A 506 10.61 16.52 20.19
C ASP A 506 9.61 15.48 20.70
N ILE A 507 9.36 14.45 19.90
CA ILE A 507 8.45 13.38 20.28
C ILE A 507 9.29 12.15 20.56
N ASN A 508 8.68 11.13 21.15
CA ASN A 508 9.38 9.88 21.44
C ASN A 508 9.10 8.93 20.28
N SER A 509 10.06 8.82 19.36
CA SER A 509 9.92 7.97 18.19
C SER A 509 10.02 6.47 18.52
N PHE A 510 10.13 6.11 19.79
CA PHE A 510 10.40 4.69 20.11
C PHE A 510 9.37 4.00 21.02
N ASP A 511 8.27 4.65 21.33
CA ASP A 511 7.20 4.00 22.11
C ASP A 511 6.00 3.87 21.16
N GLN A 512 4.90 3.29 21.63
CA GLN A 512 3.72 3.14 20.78
C GLN A 512 2.47 2.90 21.62
N TRP A 513 2.12 3.89 22.43
CA TRP A 513 0.96 3.81 23.32
C TRP A 513 -0.37 3.89 22.58
N GLY A 514 -0.33 4.37 21.34
CA GLY A 514 -1.54 4.51 20.56
C GLY A 514 -2.23 3.23 20.17
N VAL A 515 -1.63 2.08 20.46
CA VAL A 515 -2.24 0.81 20.09
C VAL A 515 -2.95 0.14 21.27
N GLU A 516 -2.80 0.71 22.45
CA GLU A 516 -3.38 0.14 23.65
C GLU A 516 -4.90 0.17 23.73
N LEU A 517 -5.52 1.29 23.35
CA LEU A 517 -6.97 1.41 23.44
C LEU A 517 -7.70 0.31 22.66
N GLY A 518 -7.30 0.11 21.40
CA GLY A 518 -7.93 -0.92 20.59
C GLY A 518 -7.85 -2.30 21.23
N LYS A 519 -6.69 -2.63 21.78
CA LYS A 519 -6.51 -3.93 22.43
C LYS A 519 -7.44 -4.10 23.64
N GLN A 520 -7.53 -3.06 24.46
CA GLN A 520 -8.39 -3.11 25.64
C GLN A 520 -9.83 -3.36 25.22
N LEU A 521 -10.30 -2.55 24.26
CA LEU A 521 -11.67 -2.68 23.79
C LEU A 521 -11.96 -4.00 23.12
N ALA A 522 -10.98 -4.56 22.42
CA ALA A 522 -11.17 -5.83 21.73
C ALA A 522 -11.42 -6.96 22.74
N LYS A 523 -10.66 -6.99 23.82
CA LYS A 523 -10.85 -8.03 24.83
C LYS A 523 -12.23 -7.91 25.48
N LYS A 524 -12.76 -6.70 25.52
CA LYS A 524 -14.07 -6.46 26.11
C LYS A 524 -15.22 -7.06 25.30
N ILE A 525 -15.20 -6.86 23.99
CA ILE A 525 -16.30 -7.37 23.17
C ILE A 525 -16.12 -8.83 22.74
N GLU A 526 -14.90 -9.34 22.85
CA GLU A 526 -14.63 -10.71 22.44
C GLU A 526 -15.64 -11.70 23.06
N PRO A 527 -15.74 -11.74 24.39
CA PRO A 527 -16.68 -12.66 25.02
C PRO A 527 -18.14 -12.32 24.73
N GLU A 528 -18.40 -11.05 24.42
CA GLU A 528 -19.76 -10.61 24.12
C GLU A 528 -20.27 -11.18 22.80
N LEU A 529 -19.35 -11.57 21.92
CA LEU A 529 -19.75 -12.11 20.62
C LEU A 529 -20.39 -13.48 20.78
N ASP A 530 -20.04 -14.17 21.86
CA ASP A 530 -20.59 -15.49 22.16
C ASP A 530 -22.09 -15.39 22.38
N GLY A 531 -22.84 -16.37 21.88
CA GLY A 531 -24.28 -16.35 22.08
C GLY A 531 -25.08 -15.56 21.08
N SER A 532 -26.39 -15.78 21.11
CA SER A 532 -27.31 -15.11 20.20
C SER A 532 -27.98 -13.89 20.83
N SER A 533 -27.74 -13.67 22.12
CA SER A 533 -28.35 -12.55 22.81
C SER A 533 -27.76 -11.22 22.34
N PRO A 534 -28.60 -10.20 22.15
CA PRO A 534 -28.19 -8.87 21.71
C PRO A 534 -27.35 -8.12 22.73
N VAL A 535 -26.38 -7.36 22.24
CA VAL A 535 -25.51 -6.57 23.10
C VAL A 535 -26.03 -5.13 23.07
N THR A 536 -26.00 -4.47 24.23
CA THR A 536 -26.49 -3.10 24.34
C THR A 536 -25.61 -2.27 25.27
N SER A 537 -24.45 -2.82 25.62
CA SER A 537 -23.51 -2.16 26.52
C SER A 537 -22.60 -1.09 25.91
N HIS A 538 -22.64 -0.92 24.58
CA HIS A 538 -21.80 0.07 23.92
C HIS A 538 -22.65 1.15 23.23
N ASP A 539 -22.00 1.99 22.45
CA ASP A 539 -22.68 3.03 21.68
C ASP A 539 -23.59 2.28 20.71
N SER A 540 -24.63 2.94 20.18
CA SER A 540 -25.54 2.25 19.27
C SER A 540 -24.89 1.63 18.03
N SER A 541 -23.80 2.23 17.54
CA SER A 541 -23.11 1.70 16.38
C SER A 541 -22.42 0.37 16.67
N THR A 542 -21.63 0.33 17.74
CA THR A 542 -20.93 -0.89 18.11
C THR A 542 -21.98 -1.96 18.42
N ASN A 543 -23.05 -1.56 19.11
CA ASN A 543 -24.14 -2.50 19.44
C ASN A 543 -24.77 -2.99 18.14
N GLY A 544 -25.15 -2.04 17.28
CA GLY A 544 -25.78 -2.38 16.02
C GLY A 544 -24.92 -3.29 15.16
N LEU A 545 -23.61 -3.04 15.13
CA LEU A 545 -22.69 -3.85 14.35
C LEU A 545 -22.60 -5.27 14.93
N ILE A 546 -22.52 -5.36 16.26
CA ILE A 546 -22.45 -6.67 16.92
C ILE A 546 -23.73 -7.48 16.68
N ASN A 547 -24.87 -6.81 16.79
CA ASN A 547 -26.14 -7.50 16.59
C ASN A 547 -26.36 -7.92 15.14
N PHE A 548 -25.79 -7.16 14.21
CA PHE A 548 -25.92 -7.50 12.80
C PHE A 548 -25.10 -8.76 12.58
N ILE A 549 -23.93 -8.80 13.22
CA ILE A 549 -23.03 -9.94 13.13
C ILE A 549 -23.66 -11.20 13.69
N LYS A 550 -24.29 -11.09 14.86
CA LYS A 550 -24.94 -12.23 15.49
C LYS A 550 -26.09 -12.73 14.62
N GLN A 551 -26.82 -11.80 14.02
CA GLN A 551 -27.93 -12.17 13.15
C GLN A 551 -27.48 -12.90 11.88
N GLN A 552 -26.43 -12.39 11.23
CA GLN A 552 -25.93 -12.97 9.99
C GLN A 552 -24.98 -14.14 10.14
N ARG A 553 -24.49 -14.33 11.37
CA ARG A 553 -23.56 -15.40 11.70
C ARG A 553 -23.98 -16.78 11.18
N GLU A 554 -25.27 -17.07 11.25
CA GLU A 554 -25.74 -18.36 10.77
C GLU A 554 -26.67 -18.27 9.56
N ALA A 555 -26.72 -17.11 8.93
CA ALA A 555 -27.55 -16.94 7.74
C ALA A 555 -26.96 -17.83 6.63
N LYS A 556 -27.82 -18.49 5.86
CA LYS A 556 -27.38 -19.36 4.80
C LYS A 556 -27.27 -18.64 3.45
N ALA B 2 -15.05 27.34 -11.94
CA ALA B 2 -15.35 25.98 -11.39
C ALA B 2 -16.77 25.94 -10.82
N ALA B 3 -17.56 24.98 -11.29
CA ALA B 3 -18.94 24.83 -10.86
C ALA B 3 -19.14 24.66 -9.35
N LEU B 4 -18.42 23.73 -8.75
CA LEU B 4 -18.59 23.46 -7.32
C LEU B 4 -18.53 24.65 -6.37
N THR B 5 -17.43 25.39 -6.40
CA THR B 5 -17.27 26.53 -5.50
C THR B 5 -18.28 27.65 -5.71
N ARG B 6 -18.97 27.63 -6.85
CA ARG B 6 -19.98 28.64 -7.18
C ARG B 6 -21.38 28.19 -6.74
N ASN B 7 -21.55 26.88 -6.57
CA ASN B 7 -22.83 26.28 -6.16
C ASN B 7 -23.26 26.80 -4.78
N PRO B 8 -24.53 27.22 -4.66
CA PRO B 8 -25.06 27.73 -3.38
C PRO B 8 -25.20 26.66 -2.28
N GLN B 9 -25.47 25.41 -2.66
CA GLN B 9 -25.58 24.33 -1.68
C GLN B 9 -24.20 24.07 -1.08
N PHE B 10 -23.17 24.19 -1.91
CA PHE B 10 -21.79 23.97 -1.45
C PHE B 10 -21.38 25.08 -0.48
N GLN B 11 -21.64 26.32 -0.86
CA GLN B 11 -21.30 27.47 -0.03
C GLN B 11 -22.01 27.36 1.33
N LYS B 12 -23.29 27.02 1.31
CA LYS B 12 -24.05 26.87 2.55
C LYS B 12 -23.37 25.80 3.40
N LEU B 13 -22.91 24.74 2.75
CA LEU B 13 -22.23 23.65 3.43
C LEU B 13 -20.95 24.19 4.06
N GLN B 14 -20.22 25.00 3.28
CA GLN B 14 -18.97 25.58 3.75
C GLN B 14 -19.08 26.47 4.98
N GLN B 15 -20.04 27.40 4.95
CA GLN B 15 -20.19 28.31 6.09
C GLN B 15 -20.65 27.57 7.33
N TRP B 16 -21.48 26.55 7.15
CA TRP B 16 -21.97 25.77 8.28
C TRP B 16 -20.76 25.10 8.94
N HIS B 17 -19.86 24.57 8.11
CA HIS B 17 -18.66 23.91 8.62
C HIS B 17 -17.77 24.86 9.39
N ARG B 18 -17.60 26.08 8.89
CA ARG B 18 -16.73 27.05 9.57
C ARG B 18 -17.30 27.58 10.87
N GLU B 19 -18.60 27.37 11.08
CA GLU B 19 -19.23 27.87 12.30
C GLU B 19 -19.85 26.76 13.16
N HIS B 20 -19.54 25.51 12.86
CA HIS B 20 -20.08 24.39 13.63
C HIS B 20 -19.15 23.17 13.59
N GLY B 21 -18.87 22.71 12.38
CA GLY B 21 -18.03 21.55 12.17
C GLY B 21 -16.95 21.25 13.20
N SER B 22 -16.25 22.29 13.62
CA SER B 22 -15.18 22.15 14.59
C SER B 22 -15.62 21.60 15.95
N GLU B 23 -16.85 21.86 16.35
CA GLU B 23 -17.36 21.41 17.63
C GLU B 23 -18.01 20.03 17.61
N LEU B 24 -18.13 19.45 16.42
CA LEU B 24 -18.73 18.14 16.30
C LEU B 24 -17.87 17.11 17.04
N ASN B 25 -18.51 16.29 17.86
CA ASN B 25 -17.79 15.27 18.62
C ASN B 25 -18.60 13.97 18.65
N LEU B 26 -18.04 12.93 18.03
CA LEU B 26 -18.69 11.63 17.94
C LEU B 26 -19.19 11.08 19.26
N ARG B 27 -18.30 10.98 20.24
CA ARG B 27 -18.67 10.44 21.53
C ARG B 27 -19.89 11.16 22.08
N HIS B 28 -19.88 12.49 22.01
CA HIS B 28 -20.98 13.29 22.50
C HIS B 28 -22.25 13.02 21.67
N LEU B 29 -22.10 12.95 20.36
CA LEU B 29 -23.24 12.69 19.50
C LEU B 29 -23.91 11.37 19.85
N PHE B 30 -23.11 10.35 20.13
CA PHE B 30 -23.66 9.03 20.47
C PHE B 30 -24.30 9.01 21.85
N ASP B 31 -23.69 9.73 22.79
CA ASP B 31 -24.20 9.79 24.15
C ASP B 31 -25.55 10.51 24.26
N THR B 32 -25.82 11.40 23.31
CA THR B 32 -27.07 12.16 23.34
C THR B 32 -28.12 11.78 22.29
N ASP B 33 -27.94 10.63 21.63
CA ASP B 33 -28.90 10.21 20.62
C ASP B 33 -28.88 8.71 20.40
N LYS B 34 -29.67 8.00 21.20
CA LYS B 34 -29.77 6.55 21.15
C LYS B 34 -30.20 6.02 19.79
N GLU B 35 -30.67 6.92 18.92
CA GLU B 35 -31.12 6.53 17.59
C GLU B 35 -30.07 6.79 16.52
N ARG B 36 -28.89 7.25 16.92
CA ARG B 36 -27.85 7.56 15.96
C ARG B 36 -27.53 6.43 14.96
N PHE B 37 -27.31 5.22 15.46
CA PHE B 37 -27.03 4.09 14.58
C PHE B 37 -28.18 3.93 13.60
N ASN B 38 -29.40 3.92 14.12
CA ASN B 38 -30.58 3.77 13.29
C ASN B 38 -30.70 4.84 12.23
N HIS B 39 -30.44 6.09 12.62
CA HIS B 39 -30.53 7.20 11.67
C HIS B 39 -29.38 7.29 10.68
N PHE B 40 -28.23 6.71 11.02
CA PHE B 40 -27.09 6.78 10.13
C PHE B 40 -26.50 5.43 9.71
N SER B 41 -27.35 4.54 9.23
CA SER B 41 -26.90 3.24 8.75
C SER B 41 -27.88 2.73 7.71
N LEU B 42 -27.41 1.83 6.86
CA LEU B 42 -28.24 1.32 5.78
C LEU B 42 -27.97 -0.18 5.62
N THR B 43 -29.03 -0.97 5.59
CA THR B 43 -28.89 -2.41 5.41
C THR B 43 -29.43 -2.78 4.02
N LEU B 44 -28.65 -3.55 3.27
CA LEU B 44 -29.03 -3.96 1.94
C LEU B 44 -29.14 -5.47 1.84
N ASN B 45 -30.33 -5.94 1.43
CA ASN B 45 -30.57 -7.36 1.25
C ASN B 45 -30.48 -7.63 -0.24
N THR B 46 -29.46 -8.38 -0.65
CA THR B 46 -29.26 -8.70 -2.05
C THR B 46 -29.85 -10.05 -2.42
N ASN B 47 -30.41 -10.74 -1.43
CA ASN B 47 -30.99 -12.07 -1.60
C ASN B 47 -29.85 -13.08 -1.65
N HIS B 48 -28.62 -12.56 -1.68
CA HIS B 48 -27.43 -13.40 -1.74
C HIS B 48 -26.45 -12.94 -0.67
N GLY B 49 -27.02 -12.43 0.43
CA GLY B 49 -26.22 -11.94 1.53
C GLY B 49 -26.61 -10.51 1.84
N HIS B 50 -26.39 -10.07 3.07
CA HIS B 50 -26.70 -8.70 3.47
C HIS B 50 -25.43 -7.87 3.56
N ILE B 51 -25.58 -6.56 3.37
CA ILE B 51 -24.46 -5.63 3.47
C ILE B 51 -24.91 -4.49 4.36
N LEU B 52 -24.20 -4.31 5.47
CA LEU B 52 -24.53 -3.23 6.39
C LEU B 52 -23.54 -2.07 6.23
N LEU B 53 -24.03 -0.92 5.78
CA LEU B 53 -23.18 0.25 5.66
C LEU B 53 -23.53 1.13 6.86
N ASP B 54 -22.65 1.13 7.86
CA ASP B 54 -22.85 1.91 9.06
C ASP B 54 -21.95 3.14 8.99
N TYR B 55 -22.56 4.29 8.75
CA TYR B 55 -21.81 5.53 8.65
C TYR B 55 -22.12 6.43 9.84
N SER B 56 -22.57 5.83 10.93
CA SER B 56 -22.93 6.58 12.13
C SER B 56 -21.71 7.12 12.88
N LYS B 57 -20.55 6.51 12.68
CA LYS B 57 -19.33 6.98 13.35
C LYS B 57 -18.64 8.09 12.55
N ASN B 58 -19.42 8.86 11.80
CA ASN B 58 -18.90 9.97 11.01
C ASN B 58 -19.29 11.31 11.64
N LEU B 59 -18.49 12.35 11.38
CA LEU B 59 -18.74 13.69 11.92
C LEU B 59 -19.86 14.40 11.16
N VAL B 60 -21.08 13.94 11.38
CA VAL B 60 -22.23 14.51 10.70
C VAL B 60 -23.47 14.47 11.59
N THR B 61 -24.53 15.08 11.09
CA THR B 61 -25.81 15.14 11.78
C THR B 61 -26.84 15.15 10.66
N GLU B 62 -28.11 15.02 11.03
CA GLU B 62 -29.18 15.02 10.05
C GLU B 62 -29.03 16.25 9.16
N GLU B 63 -28.76 17.38 9.79
CA GLU B 63 -28.61 18.65 9.08
C GLU B 63 -27.48 18.60 8.06
N VAL B 64 -26.32 18.10 8.47
CA VAL B 64 -25.18 18.00 7.56
C VAL B 64 -25.51 17.06 6.41
N MET B 65 -26.11 15.92 6.71
CA MET B 65 -26.48 14.97 5.67
C MET B 65 -27.46 15.59 4.67
N HIS B 66 -28.44 16.33 5.19
CA HIS B 66 -29.42 16.96 4.32
C HIS B 66 -28.74 17.93 3.36
N MET B 67 -27.80 18.71 3.89
CA MET B 67 -27.06 19.66 3.07
C MET B 67 -26.21 18.93 2.04
N LEU B 68 -25.52 17.88 2.48
CA LEU B 68 -24.67 17.10 1.59
C LEU B 68 -25.52 16.54 0.46
N LEU B 69 -26.70 16.03 0.80
CA LEU B 69 -27.61 15.47 -0.20
C LEU B 69 -28.18 16.55 -1.12
N ASP B 70 -28.38 17.76 -0.58
CA ASP B 70 -28.90 18.86 -1.41
C ASP B 70 -27.84 19.17 -2.46
N LEU B 71 -26.58 19.17 -2.04
CA LEU B 71 -25.47 19.45 -2.93
C LEU B 71 -25.39 18.42 -4.06
N ALA B 72 -25.51 17.15 -3.69
CA ALA B 72 -25.47 16.08 -4.68
C ALA B 72 -26.55 16.37 -5.72
N LYS B 73 -27.76 16.68 -5.24
CA LYS B 73 -28.89 16.96 -6.12
C LYS B 73 -28.66 18.16 -7.03
N SER B 74 -28.19 19.28 -6.46
CA SER B 74 -27.96 20.47 -7.26
C SER B 74 -26.80 20.35 -8.24
N ARG B 75 -25.92 19.37 -8.02
CA ARG B 75 -24.78 19.18 -8.92
C ARG B 75 -25.15 18.20 -10.04
N GLY B 76 -26.42 17.81 -10.09
CA GLY B 76 -26.91 16.91 -11.12
C GLY B 76 -26.47 15.46 -11.09
N VAL B 77 -26.22 14.92 -9.90
CA VAL B 77 -25.80 13.53 -9.79
C VAL B 77 -26.74 12.55 -10.52
N GLU B 78 -28.03 12.67 -10.26
CA GLU B 78 -29.01 11.78 -10.88
C GLU B 78 -28.99 11.84 -12.40
N ALA B 79 -29.05 13.04 -12.97
CA ALA B 79 -29.04 13.20 -14.42
C ALA B 79 -27.72 12.64 -14.98
N ALA B 80 -26.63 12.92 -14.28
CA ALA B 80 -25.32 12.42 -14.72
C ALA B 80 -25.35 10.88 -14.77
N ARG B 81 -25.92 10.28 -13.74
CA ARG B 81 -26.01 8.82 -13.68
C ARG B 81 -26.77 8.25 -14.88
N GLU B 82 -27.94 8.83 -15.18
CA GLU B 82 -28.74 8.36 -16.30
C GLU B 82 -27.99 8.43 -17.61
N SER B 83 -27.25 9.51 -17.81
CA SER B 83 -26.48 9.70 -19.03
C SER B 83 -25.44 8.60 -19.19
N MET B 84 -24.85 8.18 -18.06
CA MET B 84 -23.86 7.12 -18.09
C MET B 84 -24.54 5.83 -18.50
N PHE B 85 -25.61 5.49 -17.79
CA PHE B 85 -26.36 4.27 -18.07
C PHE B 85 -27.00 4.26 -19.46
N ASN B 86 -27.41 5.42 -19.95
CA ASN B 86 -28.03 5.51 -21.27
C ASN B 86 -27.02 5.45 -22.41
N GLY B 87 -25.75 5.37 -22.07
CA GLY B 87 -24.73 5.29 -23.10
C GLY B 87 -24.29 6.60 -23.71
N GLU B 88 -24.63 7.72 -23.08
CA GLU B 88 -24.20 9.01 -23.58
C GLU B 88 -22.68 9.09 -23.43
N LYS B 89 -22.04 9.85 -24.31
CA LYS B 89 -20.59 9.96 -24.29
C LYS B 89 -20.13 10.96 -23.24
N ILE B 90 -20.36 10.63 -21.97
CA ILE B 90 -19.99 11.52 -20.87
C ILE B 90 -18.49 11.70 -20.68
N ASN B 91 -17.69 10.83 -21.31
CA ASN B 91 -16.24 10.99 -21.22
C ASN B 91 -15.97 12.07 -22.26
N SER B 92 -16.20 13.32 -21.84
CA SER B 92 -16.07 14.50 -22.69
C SER B 92 -14.74 14.77 -23.39
N THR B 93 -13.61 14.61 -22.71
CA THR B 93 -12.34 14.89 -23.35
C THR B 93 -12.00 13.88 -24.45
N GLU B 94 -12.53 12.67 -24.34
CA GLU B 94 -12.25 11.65 -25.34
C GLU B 94 -13.48 11.34 -26.18
N ASP B 95 -14.59 12.02 -25.87
CA ASP B 95 -15.84 11.82 -26.59
C ASP B 95 -16.14 10.33 -26.67
N ARG B 96 -16.26 9.72 -25.50
CA ARG B 96 -16.54 8.30 -25.41
C ARG B 96 -17.64 8.03 -24.40
N ALA B 97 -18.35 6.92 -24.60
CA ALA B 97 -19.39 6.54 -23.66
C ALA B 97 -18.65 5.91 -22.50
N VAL B 98 -19.34 5.68 -21.38
CA VAL B 98 -18.74 5.06 -20.21
C VAL B 98 -19.72 3.98 -19.82
N LEU B 99 -19.46 2.77 -20.30
CA LEU B 99 -20.38 1.67 -20.06
C LEU B 99 -19.83 0.42 -19.41
N HIS B 100 -19.24 0.53 -18.23
CA HIS B 100 -18.78 -0.69 -17.59
C HIS B 100 -20.03 -1.39 -17.04
N VAL B 101 -21.08 -0.62 -16.77
CA VAL B 101 -22.33 -1.19 -16.26
C VAL B 101 -22.98 -2.09 -17.31
N ALA B 102 -22.66 -1.84 -18.59
CA ALA B 102 -23.19 -2.63 -19.68
C ALA B 102 -22.55 -4.01 -19.71
N LEU B 103 -21.29 -4.10 -19.27
CA LEU B 103 -20.56 -5.36 -19.26
C LEU B 103 -21.18 -6.37 -18.30
N ARG B 104 -21.86 -5.86 -17.28
CA ARG B 104 -22.49 -6.73 -16.29
C ARG B 104 -24.00 -6.57 -16.26
N ASN B 105 -24.56 -6.01 -17.33
CA ASN B 105 -25.99 -5.81 -17.45
C ASN B 105 -26.66 -7.16 -17.72
N ARG B 106 -26.84 -7.94 -16.66
CA ARG B 106 -27.44 -9.27 -16.77
C ARG B 106 -28.89 -9.24 -17.26
N SER B 107 -29.55 -8.09 -17.03
CA SER B 107 -30.94 -7.93 -17.47
C SER B 107 -31.00 -7.84 -18.98
N ASN B 108 -29.85 -7.55 -19.59
CA ASN B 108 -29.75 -7.43 -21.04
C ASN B 108 -30.66 -6.39 -21.64
N THR B 109 -31.13 -5.45 -20.82
CA THR B 109 -31.96 -4.38 -21.35
C THR B 109 -31.05 -3.65 -22.32
N PRO B 110 -31.54 -3.33 -23.52
CA PRO B 110 -30.72 -2.63 -24.51
C PRO B 110 -30.10 -1.30 -24.07
N ILE B 111 -28.88 -1.07 -24.54
CA ILE B 111 -28.12 0.15 -24.29
C ILE B 111 -27.51 0.49 -25.64
N VAL B 112 -28.02 1.53 -26.28
CA VAL B 112 -27.53 1.92 -27.60
C VAL B 112 -26.54 3.09 -27.53
N VAL B 113 -25.42 2.95 -28.24
CA VAL B 113 -24.37 3.96 -28.26
C VAL B 113 -24.41 4.77 -29.56
N ASP B 114 -24.02 4.14 -30.66
CA ASP B 114 -24.03 4.81 -31.95
C ASP B 114 -25.18 4.23 -32.75
N GLY B 115 -26.38 4.34 -32.19
CA GLY B 115 -27.56 3.81 -32.86
C GLY B 115 -27.62 2.30 -32.79
N LYS B 116 -26.67 1.68 -32.09
CA LYS B 116 -26.64 0.23 -31.99
C LYS B 116 -26.54 -0.28 -30.56
N ASP B 117 -27.36 -1.29 -30.25
CA ASP B 117 -27.38 -1.89 -28.92
C ASP B 117 -26.05 -2.60 -28.67
N VAL B 118 -25.49 -2.33 -27.51
CA VAL B 118 -24.21 -2.88 -27.09
C VAL B 118 -24.21 -4.32 -26.56
N MET B 119 -25.29 -4.71 -25.90
CA MET B 119 -25.40 -6.04 -25.30
C MET B 119 -25.05 -7.26 -26.14
N PRO B 120 -25.51 -7.33 -27.40
CA PRO B 120 -25.17 -8.50 -28.19
C PRO B 120 -23.66 -8.76 -28.25
N GLU B 121 -22.89 -7.71 -28.47
CA GLU B 121 -21.43 -7.84 -28.54
C GLU B 121 -20.87 -8.28 -27.20
N VAL B 122 -21.41 -7.66 -26.16
CA VAL B 122 -21.02 -7.97 -24.78
C VAL B 122 -21.21 -9.47 -24.50
N ASN B 123 -22.43 -9.95 -24.69
CA ASN B 123 -22.74 -11.34 -24.44
C ASN B 123 -21.97 -12.28 -25.36
N LYS B 124 -21.72 -11.83 -26.58
CA LYS B 124 -20.97 -12.62 -27.54
C LYS B 124 -19.59 -12.92 -26.96
N VAL B 125 -18.90 -11.89 -26.47
CA VAL B 125 -17.57 -12.10 -25.90
C VAL B 125 -17.67 -12.99 -24.66
N LEU B 126 -18.69 -12.75 -23.84
CA LEU B 126 -18.88 -13.57 -22.63
C LEU B 126 -19.02 -15.05 -23.02
N ASP B 127 -19.75 -15.33 -24.09
CA ASP B 127 -19.92 -16.71 -24.54
C ASP B 127 -18.57 -17.26 -24.99
N LYS B 128 -17.87 -16.46 -25.79
CA LYS B 128 -16.56 -16.85 -26.29
C LYS B 128 -15.68 -17.18 -25.08
N MET B 129 -15.69 -16.29 -24.09
CA MET B 129 -14.90 -16.47 -22.88
C MET B 129 -15.23 -17.79 -22.19
N LYS B 130 -16.52 -18.03 -21.94
CA LYS B 130 -16.94 -19.25 -21.26
C LYS B 130 -16.53 -20.50 -22.04
N ALA B 131 -16.81 -20.51 -23.34
CA ALA B 131 -16.47 -21.66 -24.18
C ALA B 131 -14.99 -21.96 -24.06
N PHE B 132 -14.16 -20.92 -24.18
CA PHE B 132 -12.71 -21.07 -24.10
C PHE B 132 -12.27 -21.56 -22.72
N CYS B 133 -12.89 -21.00 -21.68
CA CYS B 133 -12.56 -21.39 -20.32
C CYS B 133 -12.85 -22.86 -20.07
N GLN B 134 -13.97 -23.34 -20.60
CA GLN B 134 -14.37 -24.74 -20.45
C GLN B 134 -13.34 -25.67 -21.09
N ARG B 135 -12.90 -25.33 -22.29
CA ARG B 135 -11.92 -26.14 -23.00
C ARG B 135 -10.60 -26.25 -22.24
N VAL B 136 -10.12 -25.11 -21.75
CA VAL B 136 -8.86 -25.07 -21.01
C VAL B 136 -9.00 -25.82 -19.68
N ARG B 137 -10.09 -25.57 -18.98
CA ARG B 137 -10.32 -26.24 -17.70
C ARG B 137 -10.49 -27.75 -17.86
N SER B 138 -11.29 -28.14 -18.83
CA SER B 138 -11.56 -29.55 -19.09
C SER B 138 -10.34 -30.32 -19.57
N GLY B 139 -9.36 -29.60 -20.12
CA GLY B 139 -8.17 -30.27 -20.62
C GLY B 139 -8.29 -30.50 -22.10
N ASP B 140 -9.45 -30.14 -22.66
CA ASP B 140 -9.70 -30.28 -24.09
C ASP B 140 -8.64 -29.49 -24.85
N TRP B 141 -8.35 -28.27 -24.37
CA TRP B 141 -7.34 -27.43 -25.02
C TRP B 141 -5.96 -27.94 -24.62
N LYS B 142 -5.18 -28.37 -25.61
CA LYS B 142 -3.85 -28.90 -25.34
C LYS B 142 -2.74 -27.98 -25.85
N GLY B 143 -1.55 -28.17 -25.29
CA GLY B 143 -0.41 -27.38 -25.70
C GLY B 143 0.15 -27.96 -26.98
N TYR B 144 1.27 -27.42 -27.45
CA TYR B 144 1.88 -27.90 -28.68
C TYR B 144 2.47 -29.31 -28.57
N THR B 145 2.42 -29.90 -27.39
CA THR B 145 2.93 -31.26 -27.20
C THR B 145 1.81 -32.19 -26.75
N GLY B 146 0.58 -31.70 -26.82
CA GLY B 146 -0.56 -32.50 -26.44
C GLY B 146 -0.94 -32.48 -24.97
N LYS B 147 -0.14 -31.80 -24.15
CA LYS B 147 -0.43 -31.73 -22.72
C LYS B 147 -1.52 -30.71 -22.42
N THR B 148 -2.16 -30.85 -21.27
CA THR B 148 -3.24 -29.94 -20.86
C THR B 148 -2.63 -28.73 -20.17
N ILE B 149 -3.32 -27.61 -20.21
CA ILE B 149 -2.82 -26.37 -19.59
C ILE B 149 -2.89 -26.40 -18.07
N THR B 150 -1.73 -26.23 -17.45
CA THR B 150 -1.61 -26.21 -16.00
C THR B 150 -1.39 -24.81 -15.42
N ASP B 151 -0.86 -23.90 -16.22
CA ASP B 151 -0.60 -22.54 -15.75
C ASP B 151 -1.06 -21.48 -16.74
N VAL B 152 -1.82 -20.51 -16.24
CA VAL B 152 -2.31 -19.41 -17.04
C VAL B 152 -1.55 -18.17 -16.57
N ILE B 153 -0.91 -17.47 -17.48
CA ILE B 153 -0.15 -16.29 -17.11
C ILE B 153 -0.69 -15.02 -17.75
N ASN B 154 -1.19 -14.13 -16.92
CA ASN B 154 -1.73 -12.88 -17.42
C ASN B 154 -0.63 -11.82 -17.43
N ILE B 155 -0.41 -11.26 -18.61
CA ILE B 155 0.58 -10.18 -18.81
C ILE B 155 -0.17 -8.91 -19.22
N GLY B 156 -0.20 -7.98 -18.30
CA GLY B 156 -0.86 -6.67 -18.46
C GLY B 156 -0.37 -5.76 -17.36
N ILE B 157 -0.75 -4.48 -17.37
CA ILE B 157 -0.22 -3.59 -16.33
C ILE B 157 -1.29 -2.78 -15.58
N GLY B 158 -1.91 -1.82 -16.24
CA GLY B 158 -2.90 -0.93 -15.58
C GLY B 158 -4.13 -1.72 -15.13
N GLY B 159 -5.26 -1.26 -15.63
CA GLY B 159 -6.54 -1.88 -15.35
C GLY B 159 -6.54 -3.28 -15.96
N SER B 160 -5.42 -3.60 -16.58
CA SER B 160 -5.22 -4.89 -17.25
C SER B 160 -4.52 -5.89 -16.32
N ASP B 161 -4.28 -5.46 -15.08
CA ASP B 161 -3.57 -6.32 -14.11
C ASP B 161 -4.22 -6.30 -12.71
N LEU B 162 -4.29 -5.11 -12.12
CA LEU B 162 -4.83 -4.93 -10.77
C LEU B 162 -6.17 -5.63 -10.46
N GLY B 163 -7.17 -5.44 -11.32
CA GLY B 163 -8.47 -6.05 -11.11
C GLY B 163 -8.41 -7.57 -11.07
N PRO B 164 -7.92 -8.20 -12.14
CA PRO B 164 -7.81 -9.66 -12.24
C PRO B 164 -6.99 -10.23 -11.09
N LEU B 165 -5.94 -9.51 -10.70
CA LEU B 165 -5.09 -9.98 -9.60
C LEU B 165 -5.86 -9.92 -8.29
N MET B 166 -6.46 -8.77 -8.01
CA MET B 166 -7.20 -8.58 -6.79
C MET B 166 -8.36 -9.56 -6.60
N VAL B 167 -9.16 -9.75 -7.65
CA VAL B 167 -10.30 -10.65 -7.57
C VAL B 167 -9.88 -12.11 -7.42
N THR B 168 -8.86 -12.54 -8.16
CA THR B 168 -8.43 -13.93 -8.03
C THR B 168 -7.93 -14.17 -6.59
N GLU B 169 -7.24 -13.19 -6.03
CA GLU B 169 -6.76 -13.30 -4.65
C GLU B 169 -7.94 -13.32 -3.68
N ALA B 170 -8.92 -12.45 -3.92
CA ALA B 170 -10.10 -12.35 -3.09
C ALA B 170 -10.98 -13.60 -3.11
N LEU B 171 -10.99 -14.29 -4.25
CA LEU B 171 -11.85 -15.46 -4.41
C LEU B 171 -11.11 -16.80 -4.50
N LYS B 172 -9.94 -16.89 -3.90
CA LYS B 172 -9.18 -18.14 -3.91
C LYS B 172 -10.03 -19.35 -3.49
N PRO B 173 -10.86 -19.22 -2.44
CA PRO B 173 -11.68 -20.34 -2.00
C PRO B 173 -12.61 -20.90 -3.08
N TYR B 174 -12.76 -20.17 -4.19
CA TYR B 174 -13.64 -20.62 -5.26
C TYR B 174 -12.91 -21.08 -6.52
N SER B 175 -11.60 -21.28 -6.43
CA SER B 175 -10.80 -21.69 -7.58
C SER B 175 -10.46 -23.17 -7.63
N SER B 176 -11.36 -23.99 -7.09
CA SER B 176 -11.16 -25.44 -7.03
C SER B 176 -10.64 -26.17 -8.28
N GLY B 177 -11.38 -26.09 -9.38
CA GLY B 177 -10.93 -26.81 -10.57
C GLY B 177 -10.21 -26.04 -11.66
N GLY B 178 -9.54 -24.96 -11.28
CA GLY B 178 -8.85 -24.17 -12.29
C GLY B 178 -7.34 -24.28 -12.23
N PRO B 179 -6.64 -23.92 -13.32
CA PRO B 179 -5.18 -23.99 -13.33
C PRO B 179 -4.60 -22.90 -12.43
N ARG B 180 -3.28 -22.88 -12.28
CA ARG B 180 -2.63 -21.87 -11.47
C ARG B 180 -2.58 -20.59 -12.29
N VAL B 181 -2.94 -19.46 -11.70
CA VAL B 181 -2.88 -18.20 -12.42
C VAL B 181 -1.73 -17.34 -11.89
N TRP B 182 -0.97 -16.76 -12.81
CA TRP B 182 0.16 -15.91 -12.49
C TRP B 182 -0.09 -14.54 -13.09
N PHE B 183 0.45 -13.51 -12.45
CA PHE B 183 0.28 -12.17 -12.97
C PHE B 183 1.62 -11.47 -13.12
N VAL B 184 1.93 -11.09 -14.36
CA VAL B 184 3.15 -10.39 -14.71
C VAL B 184 2.70 -9.01 -15.15
N SER B 185 3.36 -7.97 -14.66
CA SER B 185 2.96 -6.61 -15.02
C SER B 185 4.09 -5.59 -15.16
N ASN B 186 4.97 -5.54 -14.19
CA ASN B 186 6.08 -4.59 -14.20
C ASN B 186 7.02 -4.89 -15.36
N ILE B 187 7.60 -3.84 -15.93
CA ILE B 187 8.56 -4.01 -17.02
C ILE B 187 9.83 -4.56 -16.37
N ASP B 188 10.01 -4.26 -15.08
CA ASP B 188 11.17 -4.75 -14.32
C ASP B 188 11.34 -6.22 -14.67
N GLY B 189 12.49 -6.55 -15.22
CA GLY B 189 12.79 -7.92 -15.63
C GLY B 189 12.64 -9.03 -14.62
N THR B 190 12.87 -8.74 -13.34
CA THR B 190 12.75 -9.80 -12.36
C THR B 190 11.32 -10.35 -12.35
N HIS B 191 10.35 -9.51 -12.67
CA HIS B 191 8.98 -9.98 -12.65
C HIS B 191 8.70 -11.15 -13.61
N ILE B 192 8.93 -10.97 -14.90
CA ILE B 192 8.67 -12.05 -15.84
C ILE B 192 9.67 -13.20 -15.69
N ALA B 193 10.91 -12.89 -15.34
CA ALA B 193 11.94 -13.91 -15.18
C ALA B 193 11.58 -14.92 -14.07
N LYS B 194 11.25 -14.41 -12.89
CA LYS B 194 10.90 -15.27 -11.76
C LYS B 194 9.69 -16.16 -12.08
N THR B 195 8.80 -15.67 -12.94
CA THR B 195 7.62 -16.43 -13.33
C THR B 195 7.95 -17.54 -14.31
N LEU B 196 8.56 -17.17 -15.43
CA LEU B 196 8.92 -18.14 -16.45
C LEU B 196 9.80 -19.26 -15.88
N ALA B 197 10.48 -18.97 -14.78
CA ALA B 197 11.36 -19.94 -14.14
C ALA B 197 10.59 -21.10 -13.51
N CYS B 198 9.31 -20.88 -13.24
CA CYS B 198 8.47 -21.91 -12.62
C CYS B 198 7.51 -22.51 -13.64
N LEU B 199 7.72 -22.22 -14.92
CA LEU B 199 6.81 -22.71 -15.94
C LEU B 199 7.39 -23.63 -17.00
N ASN B 200 6.52 -24.48 -17.54
CA ASN B 200 6.87 -25.39 -18.60
C ASN B 200 6.08 -24.85 -19.79
N PRO B 201 6.79 -24.41 -20.84
CA PRO B 201 6.14 -23.87 -22.04
C PRO B 201 5.06 -24.77 -22.63
N GLU B 202 5.21 -26.07 -22.48
CA GLU B 202 4.25 -27.04 -23.01
C GLU B 202 2.88 -26.94 -22.35
N SER B 203 2.85 -26.61 -21.06
CA SER B 203 1.59 -26.52 -20.36
C SER B 203 1.23 -25.12 -19.87
N SER B 204 1.87 -24.10 -20.45
CA SER B 204 1.61 -22.73 -20.06
C SER B 204 0.82 -21.95 -21.11
N LEU B 205 -0.18 -21.21 -20.65
CA LEU B 205 -1.02 -20.38 -21.52
C LEU B 205 -0.84 -18.92 -21.09
N PHE B 206 -0.45 -18.06 -22.04
CA PHE B 206 -0.25 -16.65 -21.73
C PHE B 206 -1.42 -15.81 -22.23
N ILE B 207 -1.84 -14.87 -21.40
CA ILE B 207 -2.94 -13.98 -21.75
C ILE B 207 -2.34 -12.58 -21.83
N ILE B 208 -2.32 -12.00 -23.03
CA ILE B 208 -1.78 -10.67 -23.20
C ILE B 208 -2.94 -9.70 -23.03
N ALA B 209 -3.03 -9.10 -21.84
CA ALA B 209 -4.09 -8.18 -21.52
C ALA B 209 -3.69 -6.71 -21.72
N SER B 210 -4.31 -6.05 -22.67
CA SER B 210 -4.00 -4.65 -22.95
C SER B 210 -5.06 -4.03 -23.82
N LYS B 211 -5.76 -3.02 -23.28
CA LYS B 211 -6.81 -2.34 -24.01
C LYS B 211 -6.30 -1.78 -25.33
N THR B 212 -5.15 -1.13 -25.28
CA THR B 212 -4.52 -0.52 -26.44
C THR B 212 -3.62 -1.47 -27.20
N PHE B 213 -2.99 -2.38 -26.46
CA PHE B 213 -2.06 -3.35 -27.02
C PHE B 213 -0.83 -2.66 -27.58
N THR B 214 -0.53 -1.47 -27.05
CA THR B 214 0.64 -0.71 -27.47
C THR B 214 1.45 -0.29 -26.25
N THR B 215 0.96 -0.62 -25.05
CA THR B 215 1.69 -0.27 -23.84
C THR B 215 3.04 -0.98 -23.86
N GLN B 216 4.11 -0.20 -23.74
CA GLN B 216 5.46 -0.75 -23.79
C GLN B 216 5.75 -1.90 -22.83
N GLU B 217 5.39 -1.74 -21.57
CA GLU B 217 5.66 -2.78 -20.59
C GLU B 217 5.06 -4.12 -20.97
N THR B 218 3.77 -4.09 -21.31
CA THR B 218 3.02 -5.28 -21.68
C THR B 218 3.52 -5.93 -22.96
N ILE B 219 3.73 -5.13 -24.00
CA ILE B 219 4.20 -5.67 -25.27
C ILE B 219 5.59 -6.25 -25.10
N THR B 220 6.46 -5.53 -24.41
CA THR B 220 7.82 -6.02 -24.19
C THR B 220 7.77 -7.33 -23.41
N ASN B 221 6.97 -7.38 -22.34
CA ASN B 221 6.81 -8.59 -21.54
C ASN B 221 6.24 -9.73 -22.40
N ALA B 222 5.26 -9.40 -23.23
CA ALA B 222 4.65 -10.39 -24.11
C ALA B 222 5.70 -10.96 -25.06
N LYS B 223 6.44 -10.07 -25.72
CA LYS B 223 7.49 -10.49 -26.65
C LYS B 223 8.52 -11.36 -25.97
N THR B 224 8.88 -11.00 -24.74
CA THR B 224 9.86 -11.78 -23.98
C THR B 224 9.31 -13.18 -23.68
N ALA B 225 8.03 -13.26 -23.32
CA ALA B 225 7.39 -14.54 -23.03
C ALA B 225 7.34 -15.40 -24.30
N LYS B 226 7.10 -14.76 -25.44
CA LYS B 226 7.02 -15.47 -26.70
C LYS B 226 8.39 -16.01 -27.10
N ASP B 227 9.43 -15.19 -26.97
CA ASP B 227 10.79 -15.63 -27.29
C ASP B 227 11.12 -16.86 -26.45
N TRP B 228 10.92 -16.73 -25.14
CA TRP B 228 11.18 -17.81 -24.20
C TRP B 228 10.43 -19.08 -24.62
N PHE B 229 9.19 -18.90 -25.05
CA PHE B 229 8.35 -20.01 -25.48
C PHE B 229 8.87 -20.71 -26.74
N LEU B 230 9.02 -19.95 -27.81
CA LEU B 230 9.50 -20.47 -29.10
C LEU B 230 10.90 -21.08 -28.98
N LEU B 231 11.60 -20.74 -27.91
CA LEU B 231 12.95 -21.27 -27.72
C LEU B 231 12.82 -22.78 -27.58
N SER B 232 11.65 -23.22 -27.13
CA SER B 232 11.39 -24.64 -26.94
C SER B 232 10.44 -25.21 -28.04
N ALA B 233 9.40 -24.44 -28.35
CA ALA B 233 8.34 -24.83 -29.34
C ALA B 233 8.88 -24.82 -30.79
N LYS B 234 9.84 -23.95 -31.04
CA LYS B 234 10.56 -23.84 -32.35
C LYS B 234 9.70 -23.61 -33.60
N ASP B 235 8.40 -23.64 -33.47
CA ASP B 235 7.50 -23.46 -34.64
C ASP B 235 6.47 -22.38 -34.32
N PRO B 236 6.54 -21.26 -35.04
CA PRO B 236 5.71 -20.07 -34.76
C PRO B 236 4.22 -20.35 -34.81
N SER B 237 3.95 -21.44 -35.44
CA SER B 237 2.59 -21.88 -35.60
C SER B 237 2.03 -22.40 -34.26
N THR B 238 2.93 -22.77 -33.36
CA THR B 238 2.53 -23.32 -32.04
C THR B 238 2.02 -22.21 -31.13
N VAL B 239 2.31 -20.95 -31.49
CA VAL B 239 1.89 -19.81 -30.71
C VAL B 239 0.38 -19.74 -30.50
N ALA B 240 -0.37 -20.12 -31.53
CA ALA B 240 -1.83 -20.07 -31.47
C ALA B 240 -2.43 -20.95 -30.37
N LYS B 241 -1.62 -21.85 -29.81
CA LYS B 241 -2.09 -22.73 -28.74
C LYS B 241 -1.68 -22.25 -27.36
N HIS B 242 -0.79 -21.27 -27.29
CA HIS B 242 -0.30 -20.78 -26.00
C HIS B 242 -0.40 -19.29 -25.73
N PHE B 243 -0.97 -18.54 -26.67
CA PHE B 243 -1.11 -17.09 -26.51
C PHE B 243 -2.46 -16.55 -26.99
N VAL B 244 -3.16 -15.84 -26.11
CA VAL B 244 -4.43 -15.22 -26.48
C VAL B 244 -4.33 -13.76 -26.08
N ALA B 245 -5.22 -12.93 -26.59
CA ALA B 245 -5.16 -11.52 -26.26
C ALA B 245 -6.51 -10.94 -25.89
N LEU B 246 -6.49 -9.99 -24.96
CA LEU B 246 -7.69 -9.30 -24.52
C LEU B 246 -7.39 -7.86 -24.88
N SER B 247 -8.10 -7.31 -25.87
CA SER B 247 -7.84 -5.94 -26.27
C SER B 247 -8.95 -5.39 -27.14
N THR B 248 -8.80 -4.14 -27.57
CA THR B 248 -9.77 -3.49 -28.43
C THR B 248 -9.08 -3.17 -29.75
N ASN B 249 -7.79 -3.49 -29.83
CA ASN B 249 -7.01 -3.21 -31.03
C ASN B 249 -6.68 -4.46 -31.82
N THR B 250 -7.54 -4.77 -32.80
CA THR B 250 -7.36 -5.94 -33.63
C THR B 250 -6.05 -5.92 -34.43
N ALA B 251 -5.72 -4.74 -34.97
CA ALA B 251 -4.51 -4.58 -35.78
C ALA B 251 -3.25 -4.94 -35.02
N LYS B 252 -3.06 -4.31 -33.85
CA LYS B 252 -1.89 -4.55 -33.03
C LYS B 252 -1.80 -6.01 -32.59
N VAL B 253 -2.94 -6.62 -32.30
CA VAL B 253 -2.97 -8.01 -31.88
C VAL B 253 -2.46 -8.92 -32.99
N LYS B 254 -3.00 -8.73 -34.18
CA LYS B 254 -2.59 -9.52 -35.34
C LYS B 254 -1.10 -9.24 -35.59
N GLU B 255 -0.73 -7.96 -35.52
CA GLU B 255 0.63 -7.55 -35.75
C GLU B 255 1.58 -8.21 -34.75
N PHE B 256 1.07 -8.52 -33.56
CA PHE B 256 1.89 -9.17 -32.55
C PHE B 256 2.08 -10.63 -32.93
N GLY B 257 1.17 -11.16 -33.73
CA GLY B 257 1.26 -12.53 -34.16
C GLY B 257 0.22 -13.43 -33.53
N ILE B 258 -0.83 -12.84 -32.97
CA ILE B 258 -1.88 -13.63 -32.34
C ILE B 258 -3.07 -13.86 -33.26
N ASP B 259 -3.49 -15.12 -33.33
CA ASP B 259 -4.64 -15.54 -34.13
C ASP B 259 -5.88 -14.76 -33.68
N PRO B 260 -6.60 -14.14 -34.63
CA PRO B 260 -7.81 -13.35 -34.34
C PRO B 260 -8.91 -14.08 -33.57
N GLN B 261 -9.00 -15.40 -33.74
CA GLN B 261 -10.00 -16.17 -33.02
C GLN B 261 -9.53 -16.31 -31.57
N ASN B 262 -8.27 -15.97 -31.34
CA ASN B 262 -7.68 -16.03 -30.00
C ASN B 262 -7.72 -14.64 -29.37
N MET B 263 -8.59 -13.77 -29.89
CA MET B 263 -8.72 -12.43 -29.34
C MET B 263 -10.09 -12.23 -28.73
N PHE B 264 -10.11 -11.86 -27.45
CA PHE B 264 -11.35 -11.61 -26.74
C PHE B 264 -11.39 -10.09 -26.58
N GLU B 265 -12.18 -9.45 -27.41
CA GLU B 265 -12.25 -8.00 -27.39
C GLU B 265 -13.25 -7.35 -26.46
N PHE B 266 -12.96 -6.09 -26.13
CA PHE B 266 -13.86 -5.28 -25.33
C PHE B 266 -13.92 -3.93 -26.04
N TRP B 267 -14.52 -2.92 -25.46
CA TRP B 267 -14.73 -1.67 -26.22
C TRP B 267 -14.14 -0.44 -25.55
N ASP B 268 -13.99 0.59 -26.38
CA ASP B 268 -13.38 1.85 -25.97
C ASP B 268 -14.13 2.47 -24.79
N TRP B 269 -15.42 2.18 -24.66
CA TRP B 269 -16.19 2.71 -23.54
C TRP B 269 -15.95 1.90 -22.27
N VAL B 270 -15.00 0.96 -22.32
CA VAL B 270 -14.63 0.17 -21.16
C VAL B 270 -13.30 0.73 -20.64
N GLY B 271 -13.36 1.53 -19.57
CA GLY B 271 -12.14 2.10 -19.01
C GLY B 271 -11.28 1.02 -18.39
N GLY B 272 -9.97 1.08 -18.65
CA GLY B 272 -9.06 0.09 -18.11
C GLY B 272 -9.27 -0.21 -16.63
N ARG B 273 -9.49 0.83 -15.83
CA ARG B 273 -9.68 0.65 -14.40
C ARG B 273 -11.11 0.25 -14.04
N TYR B 274 -11.90 -0.05 -15.06
CA TYR B 274 -13.28 -0.49 -14.91
C TYR B 274 -13.48 -1.68 -15.84
N SER B 275 -12.37 -2.31 -16.21
CA SER B 275 -12.41 -3.42 -17.18
C SER B 275 -12.46 -4.86 -16.70
N LEU B 276 -12.22 -5.12 -15.41
CA LEU B 276 -12.22 -6.50 -14.94
C LEU B 276 -13.51 -7.23 -15.29
N TRP B 277 -14.58 -6.48 -15.54
CA TRP B 277 -15.88 -7.04 -15.88
C TRP B 277 -15.96 -7.49 -17.34
N SER B 278 -15.01 -7.08 -18.16
CA SER B 278 -15.00 -7.43 -19.58
C SER B 278 -14.09 -8.63 -19.85
N ALA B 279 -13.57 -8.70 -21.07
CA ALA B 279 -12.66 -9.77 -21.47
C ALA B 279 -11.44 -9.80 -20.55
N ILE B 280 -11.08 -8.64 -20.00
CA ILE B 280 -9.93 -8.55 -19.10
C ILE B 280 -10.05 -9.53 -17.93
N GLY B 281 -11.29 -9.91 -17.61
CA GLY B 281 -11.52 -10.84 -16.51
C GLY B 281 -11.39 -12.30 -16.89
N LEU B 282 -10.83 -12.58 -18.06
CA LEU B 282 -10.67 -13.97 -18.51
C LEU B 282 -9.92 -14.83 -17.51
N SER B 283 -8.84 -14.30 -16.94
CA SER B 283 -8.06 -15.04 -15.96
C SER B 283 -8.86 -15.33 -14.69
N ILE B 284 -9.85 -14.49 -14.41
CA ILE B 284 -10.69 -14.71 -13.22
C ILE B 284 -11.60 -15.91 -13.51
N ALA B 285 -12.31 -15.82 -14.63
CA ALA B 285 -13.20 -16.89 -15.08
C ALA B 285 -12.43 -18.20 -15.13
N LEU B 286 -11.19 -18.15 -15.61
CA LEU B 286 -10.36 -19.34 -15.70
C LEU B 286 -10.03 -19.88 -14.33
N HIS B 287 -9.90 -18.97 -13.36
CA HIS B 287 -9.54 -19.36 -12.01
C HIS B 287 -10.69 -19.89 -11.15
N VAL B 288 -11.81 -19.17 -11.17
CA VAL B 288 -12.96 -19.55 -10.35
C VAL B 288 -14.11 -20.18 -11.12
N GLY B 289 -13.96 -20.36 -12.43
CA GLY B 289 -15.03 -20.93 -13.22
C GLY B 289 -15.96 -19.84 -13.69
N PHE B 290 -16.66 -20.08 -14.81
CA PHE B 290 -17.54 -19.07 -15.36
C PHE B 290 -18.80 -18.78 -14.55
N ASP B 291 -19.27 -19.77 -13.80
CA ASP B 291 -20.47 -19.57 -12.98
C ASP B 291 -20.20 -18.55 -11.90
N ASN B 292 -19.03 -18.65 -11.28
CA ASN B 292 -18.63 -17.74 -10.23
C ASN B 292 -18.34 -16.36 -10.83
N PHE B 293 -17.86 -16.33 -12.07
CA PHE B 293 -17.59 -15.07 -12.74
C PHE B 293 -18.92 -14.36 -13.01
N GLU B 294 -19.93 -15.14 -13.40
CA GLU B 294 -21.23 -14.56 -13.67
C GLU B 294 -21.85 -14.07 -12.36
N GLN B 295 -21.46 -14.68 -11.25
CA GLN B 295 -21.97 -14.24 -9.95
C GLN B 295 -21.35 -12.88 -9.67
N LEU B 296 -20.07 -12.75 -10.01
CA LEU B 296 -19.33 -11.51 -9.82
C LEU B 296 -20.07 -10.41 -10.58
N LEU B 297 -20.34 -10.67 -11.86
CA LEU B 297 -21.04 -9.71 -12.70
C LEU B 297 -22.41 -9.38 -12.11
N SER B 298 -23.12 -10.41 -11.65
CA SER B 298 -24.46 -10.21 -11.07
C SER B 298 -24.42 -9.30 -9.85
N GLY B 299 -23.44 -9.51 -8.98
CA GLY B 299 -23.31 -8.69 -7.79
C GLY B 299 -23.15 -7.24 -8.17
N ALA B 300 -22.35 -6.97 -9.20
CA ALA B 300 -22.14 -5.61 -9.66
C ALA B 300 -23.45 -5.09 -10.25
N HIS B 301 -24.15 -5.96 -10.99
CA HIS B 301 -25.41 -5.59 -11.60
C HIS B 301 -26.40 -5.21 -10.50
N TRP B 302 -26.40 -5.99 -9.42
CA TRP B 302 -27.31 -5.69 -8.30
C TRP B 302 -27.01 -4.29 -7.78
N MET B 303 -25.74 -4.01 -7.52
CA MET B 303 -25.33 -2.71 -7.02
C MET B 303 -25.69 -1.59 -8.00
N ASP B 304 -25.52 -1.85 -9.30
CA ASP B 304 -25.84 -0.85 -10.31
C ASP B 304 -27.33 -0.49 -10.21
N GLN B 305 -28.17 -1.49 -9.98
CA GLN B 305 -29.61 -1.27 -9.85
C GLN B 305 -29.90 -0.46 -8.60
N HIS B 306 -29.22 -0.79 -7.50
CA HIS B 306 -29.41 -0.06 -6.26
C HIS B 306 -29.09 1.42 -6.50
N PHE B 307 -27.92 1.66 -7.08
CA PHE B 307 -27.47 3.02 -7.37
C PHE B 307 -28.45 3.75 -8.29
N ARG B 308 -28.97 3.05 -9.29
CA ARG B 308 -29.87 3.68 -10.23
C ARG B 308 -31.30 3.97 -9.79
N THR B 309 -31.86 3.09 -8.96
CA THR B 309 -33.25 3.25 -8.54
C THR B 309 -33.49 3.74 -7.11
N THR B 310 -32.44 3.86 -6.30
CA THR B 310 -32.64 4.27 -4.92
C THR B 310 -32.56 5.76 -4.65
N PRO B 311 -33.53 6.30 -3.89
CA PRO B 311 -33.53 7.73 -3.58
C PRO B 311 -32.17 8.06 -2.95
N LEU B 312 -31.62 9.23 -3.28
CA LEU B 312 -30.32 9.64 -2.77
C LEU B 312 -30.03 9.38 -1.28
N GLU B 313 -30.97 9.73 -0.42
CA GLU B 313 -30.81 9.57 1.02
C GLU B 313 -30.59 8.14 1.52
N LYS B 314 -30.89 7.16 0.68
CA LYS B 314 -30.72 5.75 1.05
C LYS B 314 -29.84 5.05 0.02
N ASN B 315 -29.13 5.85 -0.77
CA ASN B 315 -28.26 5.35 -1.82
C ASN B 315 -26.83 5.18 -1.32
N ALA B 316 -26.41 3.94 -1.12
CA ALA B 316 -25.08 3.64 -0.60
C ALA B 316 -23.93 4.41 -1.28
N PRO B 317 -23.70 4.19 -2.59
CA PRO B 317 -22.60 4.92 -3.21
C PRO B 317 -22.70 6.44 -3.09
N VAL B 318 -23.92 6.96 -3.12
CA VAL B 318 -24.09 8.40 -2.99
C VAL B 318 -23.69 8.85 -1.58
N LEU B 319 -24.12 8.08 -0.57
CA LEU B 319 -23.80 8.40 0.82
C LEU B 319 -22.28 8.38 1.05
N LEU B 320 -21.61 7.34 0.57
CA LEU B 320 -20.16 7.25 0.75
C LEU B 320 -19.49 8.46 0.10
N ALA B 321 -19.86 8.73 -1.15
CA ALA B 321 -19.32 9.86 -1.90
C ALA B 321 -19.43 11.19 -1.16
N MET B 322 -20.65 11.55 -0.76
CA MET B 322 -20.84 12.81 -0.05
C MET B 322 -20.10 12.85 1.28
N LEU B 323 -19.96 11.70 1.94
CA LEU B 323 -19.23 11.66 3.20
C LEU B 323 -17.77 11.99 2.88
N GLY B 324 -17.30 11.54 1.72
CA GLY B 324 -15.94 11.82 1.31
C GLY B 324 -15.78 13.31 0.99
N ILE B 325 -16.72 13.86 0.21
CA ILE B 325 -16.70 15.27 -0.15
C ILE B 325 -16.61 16.12 1.13
N TRP B 326 -17.39 15.74 2.12
CA TRP B 326 -17.43 16.44 3.40
C TRP B 326 -16.03 16.50 3.99
N TYR B 327 -15.33 15.36 4.04
CA TYR B 327 -13.98 15.31 4.60
C TYR B 327 -12.91 15.93 3.71
N ILE B 328 -13.04 15.77 2.40
CA ILE B 328 -12.05 16.31 1.47
C ILE B 328 -12.16 17.82 1.30
N ASN B 329 -13.36 18.29 1.01
CA ASN B 329 -13.59 19.71 0.75
C ASN B 329 -13.86 20.61 1.96
N CYS B 330 -14.36 20.04 3.06
CA CYS B 330 -14.62 20.86 4.24
C CYS B 330 -13.56 20.67 5.32
N PHE B 331 -13.18 19.42 5.59
CA PHE B 331 -12.15 19.18 6.59
C PHE B 331 -10.76 19.16 5.95
N GLY B 332 -10.75 19.08 4.62
CA GLY B 332 -9.50 19.07 3.89
C GLY B 332 -8.60 17.87 4.12
N CYS B 333 -9.19 16.69 4.30
CA CYS B 333 -8.41 15.48 4.52
C CYS B 333 -7.84 15.01 3.20
N GLU B 334 -6.52 14.81 3.16
CA GLU B 334 -5.85 14.38 1.94
C GLU B 334 -6.04 12.91 1.59
N THR B 335 -6.24 12.07 2.60
CA THR B 335 -6.34 10.65 2.32
C THR B 335 -7.63 9.95 2.71
N GLN B 336 -7.75 8.73 2.22
CA GLN B 336 -8.89 7.86 2.46
C GLN B 336 -8.30 6.48 2.68
N ALA B 337 -8.43 5.95 3.89
CA ALA B 337 -7.89 4.64 4.17
C ALA B 337 -8.96 3.56 3.96
N VAL B 338 -8.55 2.45 3.36
CA VAL B 338 -9.41 1.32 3.11
C VAL B 338 -8.77 0.18 3.90
N LEU B 339 -9.49 -0.29 4.92
CA LEU B 339 -8.96 -1.31 5.80
C LEU B 339 -9.84 -2.57 5.90
N PRO B 340 -9.65 -3.52 4.98
CA PRO B 340 -10.47 -4.72 5.04
C PRO B 340 -9.87 -5.75 6.02
N TYR B 341 -10.70 -6.29 6.91
CA TYR B 341 -10.22 -7.29 7.85
C TYR B 341 -10.47 -8.62 7.16
N ASP B 342 -9.66 -8.86 6.14
CA ASP B 342 -9.77 -10.07 5.35
C ASP B 342 -8.47 -10.19 4.57
N GLN B 343 -7.70 -11.22 4.87
CA GLN B 343 -6.42 -11.46 4.23
C GLN B 343 -6.62 -11.66 2.72
N TYR B 344 -7.74 -12.25 2.32
CA TYR B 344 -8.02 -12.49 0.90
C TYR B 344 -8.13 -11.19 0.11
N LEU B 345 -8.54 -10.12 0.78
CA LEU B 345 -8.69 -8.82 0.14
C LEU B 345 -7.42 -7.97 0.32
N HIS B 346 -6.26 -8.61 0.43
CA HIS B 346 -5.03 -7.87 0.62
C HIS B 346 -4.65 -6.93 -0.53
N ARG B 347 -5.29 -7.08 -1.69
CA ARG B 347 -4.98 -6.20 -2.81
C ARG B 347 -6.13 -5.26 -3.13
N PHE B 348 -7.12 -5.22 -2.23
CA PHE B 348 -8.30 -4.39 -2.42
C PHE B 348 -7.96 -2.90 -2.46
N ALA B 349 -7.20 -2.44 -1.47
CA ALA B 349 -6.81 -1.03 -1.39
C ALA B 349 -6.01 -0.61 -2.62
N ALA B 350 -5.04 -1.42 -3.01
CA ALA B 350 -4.21 -1.12 -4.17
C ALA B 350 -5.05 -0.98 -5.44
N TYR B 351 -6.07 -1.82 -5.58
CA TYR B 351 -6.94 -1.76 -6.74
C TYR B 351 -7.63 -0.39 -6.80
N PHE B 352 -8.12 0.08 -5.66
CA PHE B 352 -8.80 1.36 -5.65
C PHE B 352 -7.88 2.57 -5.65
N GLN B 353 -6.59 2.34 -5.61
CA GLN B 353 -5.64 3.44 -5.74
C GLN B 353 -5.73 3.88 -7.20
N GLN B 354 -5.84 2.92 -8.12
CA GLN B 354 -5.99 3.27 -9.52
C GLN B 354 -7.43 3.68 -9.75
N GLY B 355 -8.35 2.83 -9.34
CA GLY B 355 -9.75 3.12 -9.53
C GLY B 355 -10.15 4.51 -9.09
N ASP B 356 -9.75 4.88 -7.88
CA ASP B 356 -10.10 6.18 -7.34
C ASP B 356 -9.16 7.31 -7.81
N MET B 357 -7.87 7.16 -7.55
CA MET B 357 -6.88 8.19 -7.91
C MET B 357 -6.67 8.47 -9.40
N GLU B 358 -6.72 7.46 -10.26
CA GLU B 358 -6.54 7.73 -11.68
C GLU B 358 -7.83 8.34 -12.24
N SER B 359 -8.94 8.13 -11.55
CA SER B 359 -10.21 8.67 -11.97
C SER B 359 -10.39 10.13 -11.56
N ASN B 360 -10.26 10.38 -10.26
CA ASN B 360 -10.46 11.73 -9.74
C ASN B 360 -9.22 12.55 -9.39
N GLY B 361 -8.03 12.06 -9.77
CA GLY B 361 -6.82 12.82 -9.50
C GLY B 361 -6.71 13.81 -10.65
N LYS B 362 -7.67 14.72 -10.70
CA LYS B 362 -7.77 15.72 -11.77
C LYS B 362 -7.83 17.15 -11.23
N TYR B 363 -7.61 18.13 -12.11
CA TYR B 363 -7.67 19.51 -11.67
C TYR B 363 -8.35 20.44 -12.68
N ILE B 364 -8.85 19.87 -13.78
CA ILE B 364 -9.55 20.64 -14.81
C ILE B 364 -10.99 20.15 -14.90
N THR B 365 -11.96 21.06 -14.94
CA THR B 365 -13.37 20.68 -15.02
C THR B 365 -13.79 20.36 -16.46
N LYS B 366 -15.00 19.83 -16.61
CA LYS B 366 -15.52 19.48 -17.92
C LYS B 366 -15.69 20.72 -18.81
N SER B 367 -15.67 21.90 -18.20
CA SER B 367 -15.82 23.15 -18.94
C SER B 367 -14.45 23.71 -19.35
N GLY B 368 -13.39 23.14 -18.80
CA GLY B 368 -12.05 23.61 -19.14
C GLY B 368 -11.46 24.50 -18.05
N ALA B 369 -12.25 24.78 -17.02
CA ALA B 369 -11.80 25.62 -15.92
C ALA B 369 -10.93 24.87 -14.91
N ARG B 370 -9.94 25.55 -14.35
CA ARG B 370 -9.08 24.92 -13.35
C ARG B 370 -9.85 24.94 -12.03
N VAL B 371 -9.85 23.81 -11.33
CA VAL B 371 -10.54 23.75 -10.06
C VAL B 371 -9.90 24.69 -9.06
N ASP B 372 -10.69 25.17 -8.11
CA ASP B 372 -10.20 26.06 -7.06
C ASP B 372 -10.57 25.41 -5.74
N HIS B 373 -10.58 24.08 -5.76
CA HIS B 373 -10.91 23.25 -4.61
C HIS B 373 -10.23 21.89 -4.78
N GLN B 374 -10.20 21.11 -3.70
CA GLN B 374 -9.58 19.79 -3.73
C GLN B 374 -10.39 18.76 -4.52
N THR B 375 -9.71 17.78 -5.09
CA THR B 375 -10.39 16.71 -5.82
C THR B 375 -10.04 15.39 -5.15
N GLY B 376 -9.88 14.34 -5.95
CA GLY B 376 -9.59 13.01 -5.42
C GLY B 376 -8.54 12.86 -4.33
N PRO B 377 -8.80 12.02 -3.32
CA PRO B 377 -7.87 11.80 -2.22
C PRO B 377 -6.85 10.71 -2.51
N ILE B 378 -5.86 10.58 -1.63
CA ILE B 378 -4.84 9.56 -1.75
C ILE B 378 -5.40 8.33 -1.03
N VAL B 379 -5.60 7.25 -1.78
CA VAL B 379 -6.14 6.02 -1.21
C VAL B 379 -5.01 5.09 -0.77
N TRP B 380 -5.15 4.51 0.42
CA TRP B 380 -4.14 3.62 0.94
C TRP B 380 -4.73 2.70 2.01
N GLY B 381 -3.93 1.73 2.44
CA GLY B 381 -4.37 0.80 3.47
C GLY B 381 -3.79 -0.60 3.37
N GLU B 382 -3.89 -1.33 4.47
CA GLU B 382 -3.42 -2.71 4.55
C GLU B 382 -4.48 -3.54 5.29
N PRO B 383 -4.58 -4.86 5.08
CA PRO B 383 -5.60 -5.68 5.74
C PRO B 383 -5.46 -5.63 7.26
N GLY B 384 -6.63 -5.79 7.92
CA GLY B 384 -6.76 -5.79 9.41
C GLY B 384 -6.59 -7.22 9.84
N THR B 385 -5.91 -7.59 10.94
CA THR B 385 -5.46 -6.73 12.07
C THR B 385 -4.07 -6.09 11.94
N ASN B 386 -3.33 -6.39 10.85
CA ASN B 386 -1.87 -6.29 10.72
C ASN B 386 -1.54 -4.82 10.92
N GLY B 387 -2.30 -4.05 10.16
CA GLY B 387 -2.21 -2.59 10.12
C GLY B 387 -2.22 -2.02 11.53
N GLN B 388 -2.94 -2.71 12.39
CA GLN B 388 -3.06 -2.33 13.80
C GLN B 388 -1.69 -2.36 14.47
N HIS B 389 -0.81 -3.14 13.89
CA HIS B 389 0.54 -3.31 14.43
C HIS B 389 1.57 -2.59 13.58
N ALA B 390 1.10 -1.71 12.69
CA ALA B 390 2.01 -0.99 11.83
C ALA B 390 1.79 0.51 11.82
N PHE B 391 0.59 0.94 11.44
CA PHE B 391 0.33 2.37 11.34
C PHE B 391 -0.85 2.95 12.12
N TYR B 392 -1.68 2.11 12.72
CA TYR B 392 -2.83 2.63 13.48
C TYR B 392 -2.38 3.60 14.57
N GLN B 393 -1.14 3.44 14.99
CA GLN B 393 -0.55 4.34 16.01
C GLN B 393 -0.75 5.78 15.56
N LEU B 394 -0.43 6.05 14.29
CA LEU B 394 -0.58 7.39 13.74
C LEU B 394 -2.04 7.76 13.57
N ILE B 395 -2.87 6.77 13.26
CA ILE B 395 -4.29 7.06 13.09
C ILE B 395 -4.91 7.43 14.43
N HIS B 396 -4.50 6.76 15.51
CA HIS B 396 -5.04 7.01 16.84
C HIS B 396 -4.46 8.22 17.56
N GLN B 397 -3.15 8.42 17.48
CA GLN B 397 -2.52 9.53 18.17
C GLN B 397 -1.63 10.42 17.30
N GLY B 398 -1.94 10.52 16.02
CA GLY B 398 -1.14 11.34 15.14
C GLY B 398 -1.75 12.73 15.01
N THR B 399 -1.35 13.46 13.98
CA THR B 399 -1.84 14.81 13.77
C THR B 399 -2.67 14.96 12.50
N LYS B 400 -3.00 13.84 11.86
CA LYS B 400 -3.78 13.84 10.63
C LYS B 400 -5.17 13.24 10.82
N MET B 401 -6.19 13.86 10.26
CA MET B 401 -7.54 13.30 10.32
C MET B 401 -7.57 12.36 9.12
N ILE B 402 -7.86 11.09 9.37
CA ILE B 402 -7.87 10.08 8.31
C ILE B 402 -9.17 9.30 8.22
N PRO B 403 -10.06 9.70 7.28
CA PRO B 403 -11.33 8.97 7.16
C PRO B 403 -10.99 7.52 6.89
N CYS B 404 -11.58 6.59 7.65
CA CYS B 404 -11.31 5.16 7.45
C CYS B 404 -12.52 4.32 7.09
N ASP B 405 -12.36 3.43 6.12
CA ASP B 405 -13.43 2.52 5.73
C ASP B 405 -13.02 1.13 6.21
N PHE B 406 -13.75 0.59 7.19
CA PHE B 406 -13.47 -0.74 7.73
C PHE B 406 -14.43 -1.74 7.10
N LEU B 407 -13.89 -2.80 6.51
CA LEU B 407 -14.72 -3.81 5.86
C LEU B 407 -14.45 -5.20 6.43
N ILE B 408 -15.49 -6.02 6.51
CA ILE B 408 -15.33 -7.37 7.04
C ILE B 408 -16.52 -8.27 6.78
N PRO B 409 -16.25 -9.55 6.48
CA PRO B 409 -17.33 -10.51 6.23
C PRO B 409 -17.69 -11.11 7.59
N VAL B 410 -18.98 -11.33 7.83
CA VAL B 410 -19.43 -11.90 9.09
C VAL B 410 -18.97 -13.35 9.18
N GLN B 411 -19.14 -14.09 8.10
CA GLN B 411 -18.76 -15.49 8.04
C GLN B 411 -17.43 -15.66 7.33
N THR B 412 -16.49 -16.37 7.95
CA THR B 412 -15.19 -16.58 7.34
C THR B 412 -15.15 -17.79 6.40
N GLN B 413 -14.26 -17.75 5.42
CA GLN B 413 -14.10 -18.85 4.46
C GLN B 413 -13.33 -19.98 5.13
N HIS B 414 -12.72 -19.70 6.28
CA HIS B 414 -11.95 -20.69 7.01
C HIS B 414 -12.19 -20.63 8.51
N PRO B 415 -13.30 -21.24 8.97
CA PRO B 415 -13.72 -21.28 10.37
C PRO B 415 -12.92 -22.26 11.24
N ILE B 416 -11.60 -22.19 11.16
CA ILE B 416 -10.73 -23.05 11.93
C ILE B 416 -10.87 -22.80 13.43
N ARG B 417 -10.43 -23.77 14.24
CA ARG B 417 -10.49 -23.67 15.70
C ARG B 417 -11.90 -23.32 16.17
N LYS B 418 -12.89 -23.81 15.43
CA LYS B 418 -14.29 -23.56 15.74
C LYS B 418 -14.65 -22.08 15.72
N GLY B 419 -14.01 -21.34 14.82
CA GLY B 419 -14.29 -19.92 14.69
C GLY B 419 -13.55 -18.99 15.64
N LEU B 420 -12.58 -19.51 16.36
CA LEU B 420 -11.82 -18.71 17.31
C LEU B 420 -11.11 -17.54 16.60
N HIS B 421 -10.38 -17.83 15.53
CA HIS B 421 -9.67 -16.80 14.80
C HIS B 421 -10.59 -15.70 14.30
N HIS B 422 -11.70 -16.08 13.66
CA HIS B 422 -12.60 -15.06 13.15
C HIS B 422 -13.23 -14.24 14.27
N LYS B 423 -13.55 -14.91 15.37
CA LYS B 423 -14.14 -14.24 16.52
C LYS B 423 -13.22 -13.11 16.97
N ILE B 424 -11.92 -13.39 17.00
CA ILE B 424 -10.94 -12.40 17.41
C ILE B 424 -10.82 -11.31 16.34
N LEU B 425 -10.83 -11.71 15.07
CA LEU B 425 -10.73 -10.74 13.99
C LEU B 425 -11.92 -9.76 14.09
N LEU B 426 -13.12 -10.30 14.28
CA LEU B 426 -14.33 -9.48 14.41
C LEU B 426 -14.24 -8.57 15.63
N ALA B 427 -13.71 -9.08 16.74
CA ALA B 427 -13.58 -8.28 17.95
C ALA B 427 -12.69 -7.06 17.70
N ASN B 428 -11.59 -7.26 16.97
CA ASN B 428 -10.67 -6.17 16.67
C ASN B 428 -11.32 -5.17 15.71
N PHE B 429 -12.04 -5.70 14.72
CA PHE B 429 -12.74 -4.88 13.75
C PHE B 429 -13.68 -3.92 14.48
N LEU B 430 -14.46 -4.47 15.40
CA LEU B 430 -15.42 -3.70 16.18
C LEU B 430 -14.73 -2.72 17.11
N ALA B 431 -13.77 -3.21 17.90
CA ALA B 431 -13.05 -2.40 18.87
C ALA B 431 -12.30 -1.21 18.29
N GLN B 432 -11.70 -1.38 17.11
CA GLN B 432 -10.94 -0.30 16.50
C GLN B 432 -11.77 0.94 16.16
N THR B 433 -12.90 0.76 15.48
CA THR B 433 -13.73 1.91 15.13
C THR B 433 -14.33 2.48 16.42
N GLU B 434 -14.55 1.61 17.41
CA GLU B 434 -15.10 2.06 18.69
C GLU B 434 -14.06 2.95 19.36
N ALA B 435 -12.83 2.47 19.40
CA ALA B 435 -11.73 3.21 20.02
C ALA B 435 -11.47 4.54 19.30
N LEU B 436 -11.49 4.53 17.98
CA LEU B 436 -11.26 5.75 17.21
C LEU B 436 -12.32 6.78 17.56
N MET B 437 -13.53 6.29 17.74
CA MET B 437 -14.67 7.13 18.05
C MET B 437 -14.60 7.67 19.49
N LYS B 438 -14.63 6.75 20.46
CA LYS B 438 -14.61 7.10 21.88
C LYS B 438 -13.36 7.78 22.43
N GLY B 439 -12.18 7.27 22.08
CA GLY B 439 -10.96 7.86 22.59
C GLY B 439 -10.85 7.55 24.08
N LYS B 440 -9.94 8.24 24.77
CA LYS B 440 -9.75 8.05 26.20
C LYS B 440 -9.21 9.33 26.85
N SER B 441 -10.04 9.96 27.68
CA SER B 441 -9.68 11.22 28.35
C SER B 441 -8.58 11.07 29.39
N THR B 442 -8.06 12.23 29.80
CA THR B 442 -7.01 12.30 30.81
C THR B 442 -7.44 11.56 32.08
N GLU B 443 -8.66 11.84 32.51
CA GLU B 443 -9.22 11.22 33.71
C GLU B 443 -9.40 9.71 33.61
N GLU B 444 -9.89 9.25 32.46
CA GLU B 444 -10.08 7.82 32.26
C GLU B 444 -8.71 7.15 32.35
N ALA B 445 -7.73 7.73 31.67
CA ALA B 445 -6.38 7.20 31.66
C ALA B 445 -5.83 7.14 33.07
N ARG B 446 -5.94 8.26 33.78
CA ARG B 446 -5.44 8.34 35.14
C ARG B 446 -6.01 7.22 36.01
N LYS B 447 -7.32 7.01 35.95
CA LYS B 447 -7.94 5.95 36.75
C LYS B 447 -7.41 4.57 36.37
N GLU B 448 -7.15 4.35 35.08
CA GLU B 448 -6.63 3.06 34.63
C GLU B 448 -5.24 2.85 35.20
N LEU B 449 -4.40 3.88 35.09
CA LEU B 449 -3.03 3.80 35.58
C LEU B 449 -3.01 3.50 37.07
N GLN B 450 -3.88 4.16 37.82
CA GLN B 450 -3.94 3.94 39.26
C GLN B 450 -4.43 2.53 39.57
N ALA B 451 -5.51 2.13 38.91
CA ALA B 451 -6.07 0.79 39.12
C ALA B 451 -5.05 -0.29 38.78
N ALA B 452 -4.25 -0.03 37.75
CA ALA B 452 -3.23 -0.98 37.33
C ALA B 452 -2.08 -1.05 38.34
N GLY B 453 -2.11 -0.15 39.32
CA GLY B 453 -1.06 -0.16 40.32
C GLY B 453 0.21 0.57 39.94
N LYS B 454 0.09 1.65 39.17
CA LYS B 454 1.25 2.42 38.78
C LYS B 454 1.67 3.30 39.95
N SER B 455 2.98 3.53 40.07
CA SER B 455 3.47 4.38 41.15
C SER B 455 3.21 5.83 40.75
N PRO B 456 3.19 6.75 41.72
CA PRO B 456 2.94 8.16 41.42
C PRO B 456 3.87 8.72 40.35
N GLU B 457 5.03 8.09 40.17
CA GLU B 457 5.98 8.56 39.18
C GLU B 457 5.64 8.09 37.76
N ASP B 458 5.45 6.78 37.61
CA ASP B 458 5.11 6.20 36.32
C ASP B 458 3.85 6.87 35.78
N LEU B 459 2.80 6.88 36.60
CA LEU B 459 1.52 7.48 36.20
C LEU B 459 1.73 8.90 35.70
N MET B 460 2.39 9.73 36.50
CA MET B 460 2.65 11.11 36.15
C MET B 460 3.44 11.20 34.84
N LYS B 461 4.34 10.25 34.64
CA LYS B 461 5.17 10.22 33.44
C LYS B 461 4.38 9.80 32.20
N LEU B 462 3.63 8.72 32.33
CA LEU B 462 2.86 8.15 31.23
C LEU B 462 1.52 8.82 30.90
N LEU B 463 0.86 9.38 31.91
CA LEU B 463 -0.45 9.99 31.72
C LEU B 463 -0.75 10.69 30.40
N PRO B 464 -0.05 11.79 30.07
CA PRO B 464 -0.34 12.47 28.80
C PRO B 464 -0.19 11.59 27.56
N HIS B 465 0.74 10.65 27.60
CA HIS B 465 1.00 9.76 26.48
C HIS B 465 -0.08 8.69 26.28
N LYS B 466 -0.89 8.46 27.32
CA LYS B 466 -1.93 7.44 27.24
C LYS B 466 -3.30 8.04 26.94
N VAL B 467 -3.32 9.33 26.60
CA VAL B 467 -4.57 10.00 26.29
C VAL B 467 -4.89 9.89 24.79
N PHE B 468 -6.13 9.52 24.50
CA PHE B 468 -6.61 9.40 23.12
C PHE B 468 -7.71 10.43 22.94
N GLU B 469 -7.49 11.38 22.04
CA GLU B 469 -8.47 12.42 21.81
C GLU B 469 -9.69 11.91 21.06
N GLY B 470 -9.57 10.73 20.46
CA GLY B 470 -10.67 10.15 19.72
C GLY B 470 -11.25 11.05 18.65
N ASN B 471 -12.55 10.92 18.43
CA ASN B 471 -13.27 11.70 17.44
C ASN B 471 -12.77 11.46 16.03
N ARG B 472 -12.32 10.24 15.77
CA ARG B 472 -11.82 9.88 14.45
C ARG B 472 -12.88 9.07 13.73
N PRO B 473 -13.46 9.66 12.66
CA PRO B 473 -14.52 9.11 11.79
C PRO B 473 -14.17 7.85 11.01
N THR B 474 -15.14 6.94 10.94
CA THR B 474 -14.93 5.71 10.19
C THR B 474 -16.26 5.21 9.64
N ASN B 475 -16.17 4.39 8.62
CA ASN B 475 -17.33 3.75 8.02
C ASN B 475 -17.10 2.28 8.33
N SER B 476 -18.18 1.56 8.61
CA SER B 476 -18.09 0.13 8.86
C SER B 476 -19.01 -0.55 7.85
N ILE B 477 -18.39 -1.31 6.96
CA ILE B 477 -19.13 -2.02 5.94
C ILE B 477 -19.01 -3.50 6.25
N VAL B 478 -20.10 -4.08 6.72
CA VAL B 478 -20.13 -5.49 7.11
C VAL B 478 -21.05 -6.27 6.18
N PHE B 479 -20.54 -7.37 5.66
CA PHE B 479 -21.33 -8.21 4.76
C PHE B 479 -21.35 -9.65 5.24
N THR B 480 -22.47 -10.33 4.99
CA THR B 480 -22.64 -11.71 5.41
C THR B 480 -21.44 -12.59 5.11
N LYS B 481 -20.97 -12.54 3.86
CA LYS B 481 -19.85 -13.37 3.47
C LYS B 481 -19.21 -12.79 2.21
N LEU B 482 -17.90 -12.99 2.06
CA LEU B 482 -17.22 -12.48 0.88
C LEU B 482 -17.30 -13.51 -0.24
N THR B 483 -18.40 -13.48 -0.96
CA THR B 483 -18.63 -14.39 -2.08
C THR B 483 -18.39 -13.61 -3.38
N PRO B 484 -18.34 -14.31 -4.53
CA PRO B 484 -18.12 -13.65 -5.82
C PRO B 484 -19.16 -12.56 -6.07
N PHE B 485 -20.40 -12.85 -5.66
CA PHE B 485 -21.50 -11.90 -5.84
C PHE B 485 -21.34 -10.68 -4.91
N ILE B 486 -21.03 -10.92 -3.65
CA ILE B 486 -20.87 -9.81 -2.72
C ILE B 486 -19.65 -8.96 -3.11
N LEU B 487 -18.56 -9.62 -3.48
CA LEU B 487 -17.39 -8.88 -3.87
C LEU B 487 -17.75 -8.01 -5.08
N GLY B 488 -18.43 -8.62 -6.05
CA GLY B 488 -18.85 -7.88 -7.23
C GLY B 488 -19.63 -6.63 -6.88
N ALA B 489 -20.54 -6.75 -5.92
CA ALA B 489 -21.35 -5.61 -5.50
C ALA B 489 -20.49 -4.57 -4.76
N LEU B 490 -19.54 -5.04 -3.95
CA LEU B 490 -18.67 -4.14 -3.20
C LEU B 490 -17.84 -3.27 -4.15
N ILE B 491 -17.25 -3.89 -5.18
CA ILE B 491 -16.44 -3.16 -6.14
C ILE B 491 -17.29 -2.11 -6.84
N ALA B 492 -18.41 -2.54 -7.41
CA ALA B 492 -19.32 -1.65 -8.11
C ALA B 492 -19.74 -0.49 -7.21
N MET B 493 -20.00 -0.79 -5.93
CA MET B 493 -20.39 0.24 -4.97
C MET B 493 -19.37 1.37 -4.94
N TYR B 494 -18.09 1.02 -4.87
CA TYR B 494 -17.04 2.02 -4.85
C TYR B 494 -16.87 2.67 -6.22
N GLU B 495 -17.08 1.90 -7.28
CA GLU B 495 -16.94 2.47 -8.62
C GLU B 495 -17.95 3.61 -8.71
N HIS B 496 -19.14 3.40 -8.14
CA HIS B 496 -20.15 4.43 -8.20
C HIS B 496 -19.89 5.57 -7.24
N LYS B 497 -19.20 5.29 -6.14
CA LYS B 497 -18.86 6.33 -5.18
C LYS B 497 -17.94 7.31 -5.91
N ILE B 498 -16.96 6.74 -6.60
CA ILE B 498 -15.99 7.51 -7.37
C ILE B 498 -16.70 8.33 -8.45
N PHE B 499 -17.72 7.75 -9.07
CA PHE B 499 -18.46 8.45 -10.12
C PHE B 499 -19.15 9.68 -9.54
N VAL B 500 -19.88 9.49 -8.45
CA VAL B 500 -20.60 10.59 -7.81
C VAL B 500 -19.66 11.75 -7.49
N GLN B 501 -18.55 11.46 -6.82
CA GLN B 501 -17.60 12.51 -6.47
C GLN B 501 -17.11 13.26 -7.71
N GLY B 502 -16.90 12.53 -8.80
CA GLY B 502 -16.45 13.16 -10.02
C GLY B 502 -17.48 14.15 -10.52
N VAL B 503 -18.76 13.79 -10.40
CA VAL B 503 -19.83 14.67 -10.82
C VAL B 503 -19.89 15.93 -9.95
N VAL B 504 -19.77 15.76 -8.65
CA VAL B 504 -19.82 16.91 -7.74
C VAL B 504 -18.71 17.92 -8.08
N TRP B 505 -17.50 17.41 -8.36
CA TRP B 505 -16.36 18.27 -8.69
C TRP B 505 -16.36 18.75 -10.14
N ASP B 506 -17.24 18.18 -10.95
CA ASP B 506 -17.37 18.55 -12.36
C ASP B 506 -16.14 18.18 -13.20
N ILE B 507 -15.44 17.12 -12.81
CA ILE B 507 -14.26 16.68 -13.54
C ILE B 507 -14.63 15.43 -14.36
N ASN B 508 -13.76 15.05 -15.29
CA ASN B 508 -14.00 13.86 -16.09
C ASN B 508 -13.32 12.68 -15.42
N SER B 509 -14.08 11.90 -14.65
CA SER B 509 -13.54 10.75 -13.92
C SER B 509 -13.14 9.60 -14.84
N PHE B 510 -13.13 9.80 -16.15
CA PHE B 510 -12.90 8.64 -17.02
C PHE B 510 -11.78 8.80 -18.06
N ASP B 511 -11.06 9.89 -18.02
CA ASP B 511 -9.89 10.04 -18.90
C ASP B 511 -8.66 9.96 -18.00
N GLN B 512 -7.47 10.11 -18.58
CA GLN B 512 -6.24 10.05 -17.79
C GLN B 512 -5.07 10.62 -18.58
N TRP B 513 -5.14 11.92 -18.88
CA TRP B 513 -4.09 12.59 -19.64
C TRP B 513 -2.82 12.79 -18.80
N GLY B 514 -2.96 12.64 -17.49
CA GLY B 514 -1.82 12.83 -16.61
C GLY B 514 -0.67 11.86 -16.80
N VAL B 515 -0.87 10.83 -17.63
CA VAL B 515 0.17 9.84 -17.85
C VAL B 515 1.01 10.07 -19.11
N GLU B 516 0.55 10.95 -20.00
CA GLU B 516 1.27 11.22 -21.25
C GLU B 516 2.69 11.75 -21.13
N LEU B 517 2.87 12.81 -20.33
CA LEU B 517 4.18 13.43 -20.17
C LEU B 517 5.29 12.45 -19.79
N GLY B 518 5.05 11.63 -18.78
CA GLY B 518 6.05 10.66 -18.36
C GLY B 518 6.43 9.72 -19.48
N LYS B 519 5.44 9.22 -20.22
CA LYS B 519 5.69 8.31 -21.33
C LYS B 519 6.59 8.92 -22.39
N GLN B 520 6.23 10.10 -22.87
CA GLN B 520 7.03 10.73 -23.91
C GLN B 520 8.46 11.05 -23.49
N LEU B 521 8.64 11.50 -22.25
CA LEU B 521 9.99 11.80 -21.79
C LEU B 521 10.78 10.49 -21.69
N ALA B 522 10.09 9.41 -21.37
CA ALA B 522 10.74 8.11 -21.25
C ALA B 522 11.24 7.66 -22.61
N LYS B 523 10.47 7.93 -23.65
CA LYS B 523 10.89 7.55 -25.00
C LYS B 523 12.14 8.29 -25.40
N LYS B 524 12.25 9.55 -24.95
CA LYS B 524 13.41 10.37 -25.27
C LYS B 524 14.70 9.86 -24.61
N ILE B 525 14.57 9.43 -23.35
CA ILE B 525 15.71 8.96 -22.58
C ILE B 525 16.25 7.57 -22.94
N GLU B 526 15.36 6.66 -23.31
CA GLU B 526 15.75 5.29 -23.63
C GLU B 526 16.99 5.18 -24.54
N PRO B 527 16.97 5.83 -25.71
CA PRO B 527 18.14 5.75 -26.60
C PRO B 527 19.39 6.42 -26.03
N GLU B 528 19.21 7.40 -25.16
CA GLU B 528 20.36 8.11 -24.59
C GLU B 528 21.12 7.27 -23.58
N LEU B 529 20.48 6.23 -23.04
CA LEU B 529 21.13 5.37 -22.05
C LEU B 529 22.21 4.49 -22.65
N ASP B 530 22.07 4.18 -23.94
CA ASP B 530 23.04 3.34 -24.62
C ASP B 530 24.38 4.06 -24.72
N GLY B 531 25.48 3.32 -24.53
CA GLY B 531 26.80 3.92 -24.62
C GLY B 531 27.26 4.60 -23.35
N SER B 532 28.55 4.88 -23.27
CA SER B 532 29.12 5.51 -22.08
C SER B 532 29.30 7.03 -22.21
N SER B 533 28.81 7.60 -23.31
CA SER B 533 28.93 9.05 -23.52
C SER B 533 27.98 9.78 -22.57
N PRO B 534 28.50 10.75 -21.82
CA PRO B 534 27.64 11.50 -20.90
C PRO B 534 26.53 12.23 -21.65
N VAL B 535 25.44 12.52 -20.94
CA VAL B 535 24.31 13.21 -21.55
C VAL B 535 24.21 14.60 -20.94
N THR B 536 23.74 15.56 -21.73
CA THR B 536 23.63 16.93 -21.25
C THR B 536 22.43 17.64 -21.85
N SER B 537 21.57 16.89 -22.53
CA SER B 537 20.39 17.46 -23.18
C SER B 537 19.19 17.68 -22.26
N HIS B 538 19.35 17.39 -20.97
CA HIS B 538 18.27 17.56 -20.00
C HIS B 538 18.68 18.59 -18.96
N ASP B 539 17.89 18.67 -17.88
CA ASP B 539 18.20 19.57 -16.79
C ASP B 539 19.40 18.89 -16.14
N SER B 540 20.12 19.61 -15.27
CA SER B 540 21.31 19.02 -14.65
C SER B 540 21.05 17.80 -13.76
N SER B 541 19.82 17.65 -13.27
CA SER B 541 19.51 16.50 -12.41
C SER B 541 19.37 15.24 -13.25
N THR B 542 18.50 15.31 -14.24
CA THR B 542 18.28 14.17 -15.13
C THR B 542 19.62 13.74 -15.77
N ASN B 543 20.43 14.72 -16.17
CA ASN B 543 21.74 14.46 -16.77
C ASN B 543 22.63 13.75 -15.74
N GLY B 544 22.66 14.30 -14.54
CA GLY B 544 23.49 13.74 -13.48
C GLY B 544 23.13 12.31 -13.11
N LEU B 545 21.82 12.04 -13.04
CA LEU B 545 21.33 10.71 -12.71
C LEU B 545 21.74 9.74 -13.83
N ILE B 546 21.54 10.16 -15.08
CA ILE B 546 21.91 9.33 -16.23
C ILE B 546 23.40 9.03 -16.25
N ASN B 547 24.23 10.05 -16.01
CA ASN B 547 25.67 9.85 -16.03
C ASN B 547 26.15 8.94 -14.90
N PHE B 548 25.47 8.99 -13.76
CA PHE B 548 25.81 8.13 -12.63
C PHE B 548 25.51 6.68 -13.04
N ILE B 549 24.39 6.52 -13.72
CA ILE B 549 23.96 5.21 -14.19
C ILE B 549 24.96 4.62 -15.19
N LYS B 550 25.44 5.45 -16.12
CA LYS B 550 26.41 4.97 -17.11
C LYS B 550 27.70 4.60 -16.39
N GLN B 551 28.07 5.39 -15.39
CA GLN B 551 29.28 5.11 -14.64
C GLN B 551 29.17 3.84 -13.81
N GLN B 552 28.11 3.71 -13.04
CA GLN B 552 27.93 2.54 -12.18
C GLN B 552 27.52 1.26 -12.89
N ARG B 553 27.12 1.38 -14.14
CA ARG B 553 26.71 0.21 -14.92
C ARG B 553 27.90 -0.76 -15.00
N GLU B 554 29.11 -0.19 -14.98
CA GLU B 554 30.36 -0.95 -15.06
C GLU B 554 30.77 -1.55 -13.74
N ALA B 555 30.84 -0.71 -12.71
CA ALA B 555 31.26 -1.12 -11.37
C ALA B 555 31.04 -2.59 -11.07
N LYS B 556 32.05 -3.22 -10.49
CA LYS B 556 31.97 -4.63 -10.15
C LYS B 556 31.80 -4.78 -8.65
O1 F6P C . 1.77 -2.41 16.74
C1 F6P C . 2.34 -2.55 17.97
C2 F6P C . 3.23 -3.79 18.16
O2 F6P C . 3.31 -4.10 19.56
C3 F6P C . 4.62 -3.59 17.55
O3 F6P C . 5.35 -2.60 18.23
C4 F6P C . 5.22 -5.01 17.53
O4 F6P C . 6.28 -5.17 16.59
C5 F6P C . 3.95 -5.89 17.34
O5 F6P C . 2.86 -4.92 17.38
C6 F6P C . 3.70 -6.93 18.36
O6 F6P C . 5.00 -7.31 18.89
P F6P C . 5.61 -8.65 19.51
O1P F6P C . 6.92 -8.99 18.84
O2P F6P C . 5.82 -8.46 21.01
O3P F6P C . 4.68 -9.83 19.31
O1 F6P D . -2.15 4.48 -16.75
C1 F6P D . -3.00 4.73 -17.82
C2 F6P D . -3.34 3.36 -18.42
O2 F6P D . -3.50 3.46 -19.84
C3 F6P D . -4.62 2.80 -17.79
O3 F6P D . -5.74 3.60 -17.90
C4 F6P D . -4.56 1.27 -18.07
O4 F6P D . -5.36 0.48 -17.21
C5 F6P D . -3.03 1.01 -18.09
O5 F6P D . -2.43 2.34 -18.02
C6 F6P D . -2.45 0.18 -19.19
O6 F6P D . -3.39 0.13 -20.30
P F6P D . -3.61 -0.95 -21.49
O1P F6P D . -4.49 -2.09 -20.99
O2P F6P D . -4.30 -0.34 -22.68
O3P F6P D . -2.28 -1.54 -21.89
#